data_4WK2
#
_entry.id   4WK2
#
_cell.length_a   60.980
_cell.length_b   118.390
_cell.length_c   170.290
_cell.angle_alpha   90.000
_cell.angle_beta   90.000
_cell.angle_gamma   90.000
#
_symmetry.space_group_name_H-M   'P 21 21 21'
#
loop_
_entity.id
_entity.type
_entity.pdbx_description
1 polymer 'Integrin alpha-5'
2 polymer 'Integrin beta-1'
3 polymer GLY-ARG-GLY-ASP-SER-PRO
4 branched alpha-D-mannopyranose-(1-3)-[alpha-D-mannopyranose-(1-6)]alpha-D-mannopyranose-(1-6)-[alpha-D-mannopyranose-(1-3)]beta-D-mannopyranose-(1-4)-2-acetamido-2-deoxy-beta-D-glucopyranose-(1-4)-2-acetamido-2-deoxy-beta-D-glucopyranose
5 branched 2-acetamido-2-deoxy-beta-D-glucopyranose-(1-4)-2-acetamido-2-deoxy-beta-D-glucopyranose
6 branched alpha-D-mannopyranose-(1-6)-beta-D-mannopyranose-(1-4)-2-acetamido-2-deoxy-beta-D-glucopyranose-(1-4)-2-acetamido-2-deoxy-beta-D-glucopyranose
7 non-polymer 'CALCIUM ION'
8 non-polymer 2-acetamido-2-deoxy-beta-D-glucopyranose
9 non-polymer 'MAGNESIUM ION'
10 water water
#
loop_
_entity_poly.entity_id
_entity_poly.type
_entity_poly.pdbx_seq_one_letter_code
_entity_poly.pdbx_strand_id
1 'polypeptide(L)'
;FNLDAEAPAVLSGPPGSFFGFSVEFYRPGTDGVSVLVGAPKANTSQPGVLQGGAVYLCPWGASPTQCTPIEFDSKGSRLL
ESSLSSSEGEEPVEYKSLQWFGATVRAHGSSILACAPLYSWRTEKEPLSDPVGTCYLSTDNFTRILEYAPCRSDFSWAAG
QGYCQGGFSAEFTKTGRVVLGGPGSYFWQGQILSATQEQIAESYYPEYLINLVQGQLQTRQASSIYDDSYLGYSVAVGEF
SGDDTEDFVAGVPKGNLTYGYVTILNGSDIRSLYNFSGEQMASYFGYAVAATDVNGDGLDDLLVGAPLLMDRTPDGRPQE
VGRVYVYLQHPAGIEPTPTLTLTGHDEFGRFGSSLTPLGDLDQDGYNDVAIGAPFGGETQQGVVFVFPGGPGGLGSKPSQ
VLQPLWAASHTPDFFGSALRGGRDLDGNGYPDLIVGSFGVDKAVVYRGRPVV
;
A
2 'polypeptide(L)'
;QTDENRCLKANAKSCGECIQAGPNCGWCTNSTFLQEGMPTSARCDDLEALKKKGCPPDDIENPRGSKDIKKNKNVTNRSK
GTAEKLKPEDITQIQPQQLVLRLRSGEPQTFTLKFKRAEDYPIDLYYLMDLSYSMKDDLENVKSLGTDLMNEMRRITSDF
RIGFGSFVEKTVMPYISTTPAKLRNPCTSEQNCTTPFSYKNVLSLTNKGEVFNELVGKQRISGNLDSPEGGFDAIMQVAV
CGSLIGWRNVTRLLVFSTDAGFHFAGDGKLGGIVLPNDGQCHLENNMYTMSHYYDYPSIAHLVQKLSENNIQTIFAVTEE
FQPVYKELKNLIPKSAVGTLSANSSNVIQLIIDAYNSLSSEVILENGKLSEGVTISYKSYCKNGVNGTGENGRKCSNISI
GDEVQFEISITSNKCPKKDSDSFKIRPLGFTEEVEVILQYICECE
;
B
3 'polypeptide(L)' GRGDSP C
#
loop_
_chem_comp.id
_chem_comp.type
_chem_comp.name
_chem_comp.formula
BMA D-saccharide, beta linking beta-D-mannopyranose 'C6 H12 O6'
CA non-polymer 'CALCIUM ION' 'Ca 2'
MAN D-saccharide, alpha linking alpha-D-mannopyranose 'C6 H12 O6'
MG non-polymer 'MAGNESIUM ION' 'Mg 2'
NAG D-saccharide, beta linking 2-acetamido-2-deoxy-beta-D-glucopyranose 'C8 H15 N O6'
#
# COMPACT_ATOMS: atom_id res chain seq x y z
N PHE A 1 -11.86 17.40 -18.99
CA PHE A 1 -12.02 18.81 -18.53
C PHE A 1 -13.44 19.31 -18.74
N ASN A 2 -14.29 18.44 -19.29
CA ASN A 2 -15.65 18.83 -19.64
C ASN A 2 -16.70 18.16 -18.74
N LEU A 3 -16.26 17.62 -17.61
CA LEU A 3 -17.18 17.07 -16.62
C LEU A 3 -17.70 18.20 -15.73
N ASP A 4 -19.01 18.17 -15.46
CA ASP A 4 -19.64 19.20 -14.65
C ASP A 4 -19.33 19.01 -13.18
N ALA A 5 -18.20 19.56 -12.73
CA ALA A 5 -17.71 19.36 -11.37
C ALA A 5 -18.31 20.37 -10.39
N GLU A 6 -18.84 21.46 -10.91
CA GLU A 6 -19.37 22.52 -10.06
C GLU A 6 -20.70 22.15 -9.42
N ALA A 7 -21.39 21.17 -10.00
CA ALA A 7 -22.69 20.74 -9.48
C ALA A 7 -23.03 19.31 -9.92
N PRO A 8 -22.38 18.33 -9.30
CA PRO A 8 -22.64 16.90 -9.58
C PRO A 8 -23.83 16.36 -8.79
N ALA A 9 -24.34 15.20 -9.21
CA ALA A 9 -25.48 14.57 -8.56
C ALA A 9 -24.99 13.58 -7.49
N VAL A 10 -25.44 13.79 -6.25
CA VAL A 10 -25.02 12.94 -5.14
C VAL A 10 -26.13 11.95 -4.76
N LEU A 11 -25.83 10.66 -4.94
CA LEU A 11 -26.71 9.60 -4.46
C LEU A 11 -26.29 9.18 -3.06
N SER A 12 -27.24 9.10 -2.14
CA SER A 12 -26.96 8.76 -0.75
C SER A 12 -27.71 7.51 -0.31
N GLY A 13 -27.03 6.65 0.45
CA GLY A 13 -27.61 5.43 0.95
C GLY A 13 -27.62 5.37 2.46
N PRO A 14 -28.09 4.25 3.02
CA PRO A 14 -28.17 4.08 4.48
C PRO A 14 -26.80 4.12 5.14
N PRO A 15 -26.73 4.65 6.38
CA PRO A 15 -25.44 4.80 7.08
C PRO A 15 -24.79 3.47 7.46
N GLY A 16 -23.49 3.35 7.21
CA GLY A 16 -22.73 2.17 7.59
C GLY A 16 -22.89 1.02 6.61
N SER A 17 -23.63 1.23 5.54
CA SER A 17 -23.89 0.18 4.56
C SER A 17 -22.79 0.05 3.52
N PHE A 18 -21.81 0.95 3.58
CA PHE A 18 -20.77 1.04 2.55
C PHE A 18 -21.39 1.22 1.17
N PHE A 19 -22.49 1.95 1.14
CA PHE A 19 -23.16 2.32 -0.10
C PHE A 19 -22.21 3.08 -1.02
N GLY A 20 -21.87 2.48 -2.16
CA GLY A 20 -20.97 3.09 -3.13
C GLY A 20 -19.68 2.30 -3.30
N PHE A 21 -19.60 1.13 -2.66
CA PHE A 21 -18.42 0.28 -2.77
C PHE A 21 -18.23 -0.17 -4.21
N SER A 22 -19.33 -0.26 -4.95
CA SER A 22 -19.32 -0.67 -6.35
CA SER A 22 -19.29 -0.64 -6.35
C SER A 22 -20.41 0.08 -7.12
N VAL A 23 -20.07 0.53 -8.32
CA VAL A 23 -21.01 1.30 -9.14
C VAL A 23 -21.02 0.80 -10.59
N GLU A 24 -22.16 1.00 -11.25
CA GLU A 24 -22.34 0.47 -12.60
C GLU A 24 -23.54 1.11 -13.30
N PHE A 25 -23.48 1.20 -14.62
CA PHE A 25 -24.60 1.69 -15.45
C PHE A 25 -25.54 0.53 -15.78
N TYR A 26 -26.84 0.81 -15.81
CA TYR A 26 -27.80 -0.21 -16.22
C TYR A 26 -28.78 0.33 -17.27
N ARG A 27 -28.86 -0.36 -18.40
CA ARG A 27 -29.74 0.03 -19.48
C ARG A 27 -30.25 -1.21 -20.23
N PRO A 28 -31.44 -1.71 -19.87
CA PRO A 28 -31.98 -2.82 -20.66
C PRO A 28 -32.33 -2.37 -22.07
N GLY A 29 -32.74 -1.11 -22.18
CA GLY A 29 -32.94 -0.46 -23.46
C GLY A 29 -32.28 0.91 -23.44
N THR A 30 -33.11 1.95 -23.44
CA THR A 30 -32.66 3.33 -23.25
C THR A 30 -33.59 4.08 -22.31
N ASP A 31 -34.88 3.72 -22.35
CA ASP A 31 -35.90 4.38 -21.55
C ASP A 31 -35.67 4.14 -20.07
N GLY A 32 -35.16 2.97 -19.73
CA GLY A 32 -34.94 2.58 -18.34
C GLY A 32 -33.50 2.69 -17.92
N VAL A 33 -32.79 3.70 -18.43
CA VAL A 33 -31.41 3.95 -18.04
C VAL A 33 -31.35 4.22 -16.54
N SER A 34 -30.41 3.57 -15.85
CA SER A 34 -30.33 3.67 -14.39
C SER A 34 -28.90 3.47 -13.88
N VAL A 35 -28.69 3.84 -12.62
CA VAL A 35 -27.42 3.61 -11.94
C VAL A 35 -27.57 2.46 -10.96
N LEU A 36 -26.59 1.56 -10.95
CA LEU A 36 -26.56 0.47 -9.97
C LEU A 36 -25.49 0.76 -8.93
N VAL A 37 -25.86 0.65 -7.66
CA VAL A 37 -24.92 0.87 -6.56
C VAL A 37 -24.93 -0.30 -5.60
N GLY A 38 -23.75 -0.85 -5.32
CA GLY A 38 -23.60 -1.93 -4.38
C GLY A 38 -23.40 -1.43 -2.96
N ALA A 39 -24.10 -2.03 -2.01
CA ALA A 39 -23.98 -1.67 -0.60
C ALA A 39 -23.77 -2.95 0.23
N PRO A 40 -22.53 -3.45 0.24
CA PRO A 40 -22.23 -4.78 0.81
C PRO A 40 -22.50 -4.94 2.30
N LYS A 41 -22.69 -3.84 3.04
CA LYS A 41 -22.96 -3.92 4.47
C LYS A 41 -24.40 -3.52 4.81
N ALA A 42 -25.25 -3.40 3.80
CA ALA A 42 -26.63 -2.97 4.00
C ALA A 42 -27.46 -4.07 4.64
N ASN A 43 -28.27 -3.70 5.62
CA ASN A 43 -29.24 -4.61 6.21
C ASN A 43 -30.37 -4.89 5.22
N THR A 44 -30.88 -6.12 5.22
CA THR A 44 -31.92 -6.53 4.29
C THR A 44 -33.07 -7.21 5.01
N SER A 45 -34.18 -7.40 4.30
CA SER A 45 -35.36 -8.04 4.86
C SER A 45 -35.25 -9.56 4.81
N GLN A 46 -34.07 -10.07 4.46
CA GLN A 46 -33.83 -11.51 4.46
C GLN A 46 -33.88 -12.02 5.90
N PRO A 47 -34.69 -13.07 6.16
CA PRO A 47 -34.83 -13.56 7.54
C PRO A 47 -33.57 -14.25 8.08
N GLY A 48 -33.09 -13.79 9.23
CA GLY A 48 -31.95 -14.41 9.89
C GLY A 48 -30.61 -13.96 9.37
N VAL A 49 -30.62 -13.11 8.35
CA VAL A 49 -29.39 -12.61 7.72
C VAL A 49 -29.05 -11.22 8.26
N LEU A 50 -27.87 -11.10 8.86
CA LEU A 50 -27.37 -9.82 9.37
C LEU A 50 -26.45 -9.17 8.33
N GLN A 51 -26.84 -7.98 7.87
CA GLN A 51 -26.03 -7.23 6.91
C GLN A 51 -25.64 -8.09 5.71
N GLY A 52 -26.64 -8.66 5.04
CA GLY A 52 -26.40 -9.54 3.92
C GLY A 52 -25.82 -8.80 2.72
N GLY A 53 -26.01 -7.48 2.68
CA GLY A 53 -25.58 -6.67 1.57
C GLY A 53 -26.69 -6.52 0.54
N ALA A 54 -26.63 -5.45 -0.24
CA ALA A 54 -27.68 -5.18 -1.22
C ALA A 54 -27.19 -4.38 -2.42
N VAL A 55 -27.96 -4.42 -3.50
CA VAL A 55 -27.71 -3.63 -4.69
C VAL A 55 -28.88 -2.69 -4.92
N TYR A 56 -28.60 -1.40 -5.10
CA TYR A 56 -29.63 -0.40 -5.26
C TYR A 56 -29.75 0.06 -6.71
N LEU A 57 -30.99 0.08 -7.21
CA LEU A 57 -31.29 0.57 -8.55
C LEU A 57 -31.75 2.02 -8.47
N CYS A 58 -31.04 2.89 -9.19
CA CYS A 58 -31.34 4.32 -9.17
C CYS A 58 -31.67 4.83 -10.57
N PRO A 59 -32.97 4.84 -10.93
CA PRO A 59 -33.38 5.35 -12.24
C PRO A 59 -32.97 6.81 -12.44
N TRP A 60 -32.41 7.11 -13.62
CA TRP A 60 -31.96 8.46 -13.92
C TRP A 60 -33.04 9.26 -14.66
N GLY A 61 -33.48 10.35 -14.05
CA GLY A 61 -34.50 11.19 -14.64
C GLY A 61 -34.98 12.28 -13.70
N ALA A 62 -35.41 11.86 -12.51
CA ALA A 62 -35.91 12.80 -11.50
C ALA A 62 -36.04 12.11 -10.14
N GLN A 66 -35.56 8.03 -4.97
CA GLN A 66 -34.53 7.89 -5.99
C GLN A 66 -34.06 6.44 -6.09
N CYS A 67 -33.38 5.97 -5.05
CA CYS A 67 -32.78 4.64 -5.05
C CYS A 67 -33.62 3.63 -4.27
N THR A 68 -33.80 2.45 -4.87
CA THR A 68 -34.50 1.34 -4.21
C THR A 68 -33.70 0.05 -4.40
N PRO A 69 -33.72 -0.83 -3.39
CA PRO A 69 -32.93 -2.07 -3.47
C PRO A 69 -33.53 -3.12 -4.40
N ILE A 70 -32.67 -3.85 -5.11
CA ILE A 70 -33.08 -4.94 -5.96
C ILE A 70 -33.17 -6.22 -5.14
N GLU A 71 -34.20 -7.03 -5.40
CA GLU A 71 -34.40 -8.27 -4.66
C GLU A 71 -33.91 -9.47 -5.47
N PHE A 72 -32.62 -9.77 -5.35
CA PHE A 72 -32.05 -10.96 -5.98
C PHE A 72 -32.44 -12.21 -5.22
N ASP A 73 -32.23 -12.18 -3.91
CA ASP A 73 -32.52 -13.32 -3.04
C ASP A 73 -33.26 -12.87 -1.78
N SER A 74 -34.51 -13.28 -1.67
CA SER A 74 -35.36 -12.89 -0.55
C SER A 74 -35.32 -13.93 0.58
N LYS A 75 -34.60 -15.03 0.35
CA LYS A 75 -34.57 -16.14 1.30
C LYS A 75 -33.39 -16.03 2.26
N GLY A 76 -33.54 -16.63 3.43
CA GLY A 76 -32.46 -16.74 4.39
C GLY A 76 -31.57 -17.92 4.05
N SER A 77 -30.59 -18.19 4.91
CA SER A 77 -29.67 -19.29 4.68
C SER A 77 -30.40 -20.63 4.64
N ARG A 78 -30.17 -21.40 3.58
CA ARG A 78 -30.77 -22.72 3.45
C ARG A 78 -30.29 -23.66 4.54
N LEU A 79 -31.08 -24.70 4.80
CA LEU A 79 -30.81 -25.63 5.89
C LEU A 79 -30.22 -26.94 5.37
N LEU A 80 -29.34 -27.56 6.16
CA LEU A 80 -28.72 -28.81 5.77
C LEU A 80 -29.77 -29.92 5.69
N GLU A 81 -29.66 -30.74 4.65
CA GLU A 81 -30.65 -31.79 4.37
C GLU A 81 -30.88 -32.74 5.53
N SER A 82 -29.81 -33.28 6.10
CA SER A 82 -29.93 -34.31 7.12
C SER A 82 -30.06 -33.75 8.55
N SER A 83 -29.88 -32.43 8.71
CA SER A 83 -29.92 -31.81 10.04
C SER A 83 -31.33 -31.62 10.56
N LEU A 84 -32.31 -31.67 9.65
CA LEU A 84 -33.70 -31.37 9.99
C LEU A 84 -34.22 -32.29 11.10
N SER A 86 -33.27 -35.96 11.63
CA SER A 86 -32.43 -37.06 12.08
C SER A 86 -31.72 -36.68 13.37
N SER A 87 -31.04 -35.53 13.34
CA SER A 87 -30.37 -35.01 14.53
C SER A 87 -31.34 -34.11 15.32
N GLU A 88 -30.83 -33.51 16.39
CA GLU A 88 -31.63 -32.61 17.22
C GLU A 88 -31.22 -31.15 17.01
N GLY A 89 -31.82 -30.53 16.00
CA GLY A 89 -31.59 -29.12 15.72
C GLY A 89 -31.24 -28.86 14.27
N GLU A 90 -32.04 -28.03 13.62
CA GLU A 90 -31.75 -27.55 12.27
C GLU A 90 -30.53 -26.65 12.31
N GLU A 91 -29.70 -26.72 11.26
CA GLU A 91 -28.55 -25.84 11.16
C GLU A 91 -28.38 -25.38 9.71
N PRO A 92 -27.86 -24.14 9.51
CA PRO A 92 -27.67 -23.66 8.15
C PRO A 92 -26.59 -24.44 7.40
N VAL A 93 -26.80 -24.64 6.09
CA VAL A 93 -25.78 -25.25 5.25
C VAL A 93 -24.93 -24.15 4.61
N GLU A 94 -25.41 -22.92 4.69
CA GLU A 94 -24.70 -21.77 4.14
C GLU A 94 -24.77 -20.58 5.10
N TYR A 95 -23.95 -19.56 4.84
CA TYR A 95 -23.86 -18.40 5.72
C TYR A 95 -23.90 -17.10 4.93
N LYS A 96 -25.08 -16.52 4.82
CA LYS A 96 -25.28 -15.30 4.04
C LYS A 96 -25.04 -14.04 4.87
N SER A 97 -24.92 -14.18 6.19
CA SER A 97 -24.63 -13.05 7.04
C SER A 97 -23.21 -12.55 6.82
N LEU A 98 -23.07 -11.24 6.60
CA LEU A 98 -21.77 -10.61 6.38
C LEU A 98 -21.12 -11.12 5.09
N GLN A 99 -21.94 -11.50 4.12
CA GLN A 99 -21.44 -12.08 2.88
C GLN A 99 -20.95 -11.03 1.89
N TRP A 100 -21.21 -9.75 2.20
CA TRP A 100 -20.82 -8.64 1.34
C TRP A 100 -21.42 -8.75 -0.07
N PHE A 101 -22.71 -9.04 -0.13
CA PHE A 101 -23.40 -9.07 -1.41
C PHE A 101 -23.50 -7.66 -1.98
N GLY A 102 -23.00 -7.49 -3.20
CA GLY A 102 -22.96 -6.19 -3.84
C GLY A 102 -21.57 -5.58 -3.78
N ALA A 103 -20.59 -6.38 -3.37
CA ALA A 103 -19.20 -5.93 -3.37
C ALA A 103 -18.75 -5.67 -4.80
N THR A 104 -19.35 -6.40 -5.73
CA THR A 104 -19.10 -6.21 -7.15
C THR A 104 -20.43 -6.18 -7.92
N VAL A 105 -20.62 -5.12 -8.69
CA VAL A 105 -21.84 -4.97 -9.50
C VAL A 105 -21.46 -4.63 -10.93
N ARG A 106 -21.92 -5.47 -11.86
CA ARG A 106 -21.65 -5.29 -13.28
C ARG A 106 -22.91 -5.56 -14.09
N ALA A 107 -23.05 -4.91 -15.24
CA ALA A 107 -24.24 -5.05 -16.07
C ALA A 107 -23.90 -5.08 -17.54
N HIS A 108 -24.64 -5.89 -18.29
CA HIS A 108 -24.48 -5.99 -19.73
C HIS A 108 -25.84 -6.25 -20.37
N GLY A 109 -26.32 -5.27 -21.14
CA GLY A 109 -27.66 -5.34 -21.68
C GLY A 109 -28.66 -5.36 -20.54
N SER A 110 -29.63 -6.27 -20.62
CA SER A 110 -30.66 -6.39 -19.58
C SER A 110 -30.24 -7.35 -18.48
N SER A 111 -28.96 -7.67 -18.42
CA SER A 111 -28.43 -8.57 -17.39
C SER A 111 -27.62 -7.82 -16.34
N ILE A 112 -27.77 -8.22 -15.09
CA ILE A 112 -27.03 -7.65 -13.97
C ILE A 112 -26.36 -8.75 -13.18
N LEU A 113 -25.06 -8.58 -12.93
CA LEU A 113 -24.29 -9.51 -12.11
C LEU A 113 -23.93 -8.85 -10.78
N ALA A 114 -24.36 -9.46 -9.69
CA ALA A 114 -24.02 -8.98 -8.35
C ALA A 114 -23.42 -10.13 -7.55
N CYS A 115 -22.27 -9.88 -6.94
CA CYS A 115 -21.50 -10.93 -6.28
C CYS A 115 -21.35 -10.72 -4.77
N ALA A 116 -21.27 -11.83 -4.05
CA ALA A 116 -21.01 -11.84 -2.61
C ALA A 116 -19.73 -12.61 -2.34
N PRO A 117 -18.57 -11.93 -2.43
CA PRO A 117 -17.29 -12.64 -2.35
C PRO A 117 -16.98 -13.22 -0.97
N LEU A 118 -17.68 -12.77 0.07
CA LEU A 118 -17.46 -13.28 1.42
C LEU A 118 -18.53 -14.28 1.84
N TYR A 119 -19.42 -14.62 0.92
CA TYR A 119 -20.37 -15.71 1.14
C TYR A 119 -19.62 -17.01 1.39
N SER A 120 -20.06 -17.76 2.40
CA SER A 120 -19.43 -19.03 2.74
C SER A 120 -20.48 -20.10 3.00
N TRP A 121 -20.06 -21.36 2.96
CA TRP A 121 -20.97 -22.46 3.22
C TRP A 121 -20.30 -23.63 3.92
N ARG A 122 -21.14 -24.51 4.46
CA ARG A 122 -20.72 -25.59 5.33
C ARG A 122 -20.26 -26.83 4.57
N THR A 123 -20.77 -26.97 3.35
CA THR A 123 -20.74 -28.24 2.61
C THR A 123 -21.69 -29.22 3.28
N GLU A 124 -22.07 -30.27 2.55
CA GLU A 124 -23.02 -31.25 3.06
C GLU A 124 -22.31 -32.49 3.58
N LYS A 125 -21.00 -32.36 3.82
CA LYS A 125 -20.20 -33.44 4.37
C LYS A 125 -19.65 -33.01 5.73
N GLU A 126 -18.34 -33.03 5.91
CA GLU A 126 -17.73 -32.57 7.16
C GLU A 126 -17.95 -31.06 7.31
N PRO A 127 -18.24 -30.59 8.53
CA PRO A 127 -18.49 -29.15 8.69
C PRO A 127 -17.27 -28.28 8.39
N LEU A 128 -17.41 -27.39 7.42
CA LEU A 128 -16.35 -26.42 7.08
C LEU A 128 -16.91 -25.02 7.12
N SER A 129 -16.05 -24.04 6.84
CA SER A 129 -16.46 -22.65 6.72
C SER A 129 -15.86 -22.06 5.44
N ASP A 130 -16.22 -22.65 4.32
CA ASP A 130 -15.61 -22.34 3.02
C ASP A 130 -16.17 -21.08 2.36
N PRO A 131 -15.40 -19.98 2.33
CA PRO A 131 -15.87 -18.80 1.59
C PRO A 131 -15.69 -18.99 0.08
N VAL A 132 -16.52 -19.85 -0.51
CA VAL A 132 -16.44 -20.13 -1.93
C VAL A 132 -16.92 -18.92 -2.75
N GLY A 133 -17.67 -18.04 -2.12
CA GLY A 133 -18.24 -16.90 -2.80
C GLY A 133 -19.36 -17.31 -3.74
N THR A 134 -20.29 -16.39 -4.00
CA THR A 134 -21.37 -16.66 -4.93
C THR A 134 -21.83 -15.38 -5.62
N CYS A 135 -22.46 -15.56 -6.78
CA CYS A 135 -23.01 -14.44 -7.54
C CYS A 135 -24.46 -14.71 -7.92
N TYR A 136 -25.22 -13.63 -8.06
CA TYR A 136 -26.59 -13.72 -8.56
C TYR A 136 -26.70 -12.97 -9.89
N LEU A 137 -27.33 -13.60 -10.86
CA LEU A 137 -27.44 -13.04 -12.21
C LEU A 137 -28.90 -12.80 -12.58
N SER A 138 -29.28 -11.53 -12.65
CA SER A 138 -30.59 -11.15 -13.15
C SER A 138 -30.54 -11.06 -14.67
N THR A 139 -31.60 -11.48 -15.34
CA THR A 139 -31.64 -11.47 -16.80
C THR A 139 -33.00 -11.03 -17.32
N ASP A 140 -33.01 -10.42 -18.51
CA ASP A 140 -34.24 -9.97 -19.15
C ASP A 140 -35.04 -9.03 -18.24
N ASN A 141 -34.32 -8.11 -17.61
CA ASN A 141 -34.93 -7.11 -16.74
C ASN A 141 -35.72 -7.71 -15.56
N PHE A 142 -35.01 -8.46 -14.72
CA PHE A 142 -35.55 -8.95 -13.45
C PHE A 142 -36.74 -9.89 -13.60
N THR A 143 -36.82 -10.60 -14.72
CA THR A 143 -37.87 -11.60 -14.92
C THR A 143 -37.38 -12.99 -14.52
N ARG A 144 -36.06 -13.16 -14.51
CA ARG A 144 -35.46 -14.41 -14.10
C ARG A 144 -34.18 -14.17 -13.31
N ILE A 145 -34.10 -14.77 -12.13
CA ILE A 145 -32.92 -14.63 -11.26
C ILE A 145 -32.24 -15.99 -11.10
N LEU A 146 -30.92 -15.99 -11.28
CA LEU A 146 -30.12 -17.20 -11.16
C LEU A 146 -29.03 -17.02 -10.11
N GLU A 147 -28.72 -18.10 -9.40
CA GLU A 147 -27.53 -18.14 -8.54
C GLU A 147 -26.41 -18.80 -9.33
N TYR A 148 -25.20 -18.24 -9.21
CA TYR A 148 -24.04 -18.77 -9.91
C TYR A 148 -22.82 -18.80 -8.98
N ALA A 149 -22.50 -19.98 -8.47
CA ALA A 149 -21.39 -20.17 -7.55
C ALA A 149 -20.45 -21.24 -8.11
N PRO A 150 -19.59 -20.85 -9.08
CA PRO A 150 -18.74 -21.82 -9.77
C PRO A 150 -17.69 -22.49 -8.87
N CYS A 151 -17.30 -21.83 -7.79
CA CYS A 151 -16.30 -22.38 -6.88
C CYS A 151 -16.90 -23.35 -5.86
N ARG A 152 -18.22 -23.31 -5.72
CA ARG A 152 -18.93 -24.25 -4.85
C ARG A 152 -18.99 -25.61 -5.57
N SER A 153 -17.88 -26.33 -5.50
CA SER A 153 -17.70 -27.56 -6.26
C SER A 153 -17.45 -28.76 -5.36
N ASP A 154 -17.11 -29.89 -5.98
CA ASP A 154 -16.75 -31.11 -5.26
C ASP A 154 -15.46 -30.92 -4.48
N PHE A 155 -14.63 -29.99 -4.92
CA PHE A 155 -13.31 -29.77 -4.34
C PHE A 155 -13.35 -28.65 -3.30
N SER A 156 -13.41 -29.04 -2.03
CA SER A 156 -13.61 -28.09 -0.94
C SER A 156 -12.31 -27.67 -0.26
N TRP A 157 -12.43 -26.72 0.66
CA TRP A 157 -11.33 -26.25 1.50
C TRP A 157 -10.25 -25.52 0.69
N ALA A 158 -9.29 -24.93 1.41
CA ALA A 158 -8.25 -24.11 0.79
C ALA A 158 -7.45 -24.86 -0.27
N ALA A 159 -7.25 -26.15 -0.06
CA ALA A 159 -6.51 -26.96 -1.02
C ALA A 159 -7.24 -27.03 -2.35
N GLY A 160 -8.57 -26.91 -2.29
CA GLY A 160 -9.40 -26.88 -3.47
C GLY A 160 -9.91 -25.47 -3.73
N GLN A 161 -11.21 -25.35 -3.98
CA GLN A 161 -11.84 -24.07 -4.30
C GLN A 161 -12.69 -23.54 -3.15
N GLY A 162 -12.46 -24.08 -1.95
CA GLY A 162 -13.26 -23.73 -0.79
C GLY A 162 -13.14 -22.27 -0.39
N TYR A 163 -11.97 -21.69 -0.59
CA TYR A 163 -11.71 -20.30 -0.21
C TYR A 163 -11.57 -19.40 -1.44
N CYS A 164 -12.06 -19.90 -2.57
CA CYS A 164 -11.98 -19.19 -3.85
C CYS A 164 -12.48 -17.74 -3.78
N GLN A 165 -13.54 -17.51 -3.03
CA GLN A 165 -14.21 -16.21 -2.98
C GLN A 165 -14.55 -15.72 -4.38
N GLY A 166 -15.16 -16.60 -5.17
CA GLY A 166 -15.55 -16.26 -6.52
C GLY A 166 -16.46 -15.04 -6.55
N GLY A 167 -16.14 -14.09 -7.41
CA GLY A 167 -16.90 -12.85 -7.51
C GLY A 167 -16.22 -11.70 -6.80
N PHE A 168 -15.04 -11.95 -6.25
CA PHE A 168 -14.21 -10.91 -5.65
C PHE A 168 -13.96 -9.81 -6.68
N SER A 169 -13.82 -10.23 -7.94
CA SER A 169 -13.77 -9.31 -9.06
C SER A 169 -14.55 -9.94 -10.21
N ALA A 170 -15.23 -9.12 -10.99
CA ALA A 170 -16.06 -9.63 -12.08
C ALA A 170 -16.21 -8.62 -13.21
N GLU A 171 -16.61 -9.10 -14.37
CA GLU A 171 -16.80 -8.24 -15.54
C GLU A 171 -17.55 -9.00 -16.63
N PHE A 172 -18.29 -8.27 -17.45
CA PHE A 172 -18.95 -8.82 -18.63
C PHE A 172 -18.11 -8.57 -19.88
N THR A 173 -18.18 -9.51 -20.83
CA THR A 173 -17.60 -9.28 -22.15
C THR A 173 -18.63 -8.59 -23.02
N LYS A 174 -18.29 -8.34 -24.28
CA LYS A 174 -19.19 -7.66 -25.20
C LYS A 174 -20.32 -8.58 -25.66
N THR A 175 -20.12 -9.88 -25.52
CA THR A 175 -21.14 -10.86 -25.90
C THR A 175 -21.97 -11.29 -24.69
N GLY A 176 -21.65 -10.74 -23.52
CA GLY A 176 -22.40 -11.01 -22.30
C GLY A 176 -21.84 -12.16 -21.48
N ARG A 177 -20.68 -12.67 -21.88
CA ARG A 177 -20.04 -13.75 -21.14
C ARG A 177 -19.60 -13.26 -19.76
N VAL A 178 -19.88 -14.07 -18.74
CA VAL A 178 -19.49 -13.76 -17.37
C VAL A 178 -18.04 -14.17 -17.13
N VAL A 179 -17.27 -13.28 -16.51
CA VAL A 179 -15.88 -13.56 -16.14
C VAL A 179 -15.66 -13.24 -14.66
N LEU A 180 -15.30 -14.25 -13.89
CA LEU A 180 -15.14 -14.11 -12.44
C LEU A 180 -13.70 -14.37 -12.00
N GLY A 181 -13.26 -13.57 -11.03
CA GLY A 181 -11.97 -13.77 -10.39
C GLY A 181 -12.14 -14.28 -8.97
N GLY A 182 -11.37 -15.30 -8.62
CA GLY A 182 -11.40 -15.89 -7.29
C GLY A 182 -9.99 -16.06 -6.77
N PRO A 183 -9.50 -15.09 -5.99
CA PRO A 183 -8.08 -15.06 -5.61
C PRO A 183 -7.65 -16.11 -4.58
N GLY A 184 -8.59 -16.89 -4.06
CA GLY A 184 -8.29 -17.81 -2.97
C GLY A 184 -8.18 -19.27 -3.33
N SER A 185 -8.38 -19.61 -4.60
CA SER A 185 -8.38 -21.00 -5.03
C SER A 185 -7.00 -21.64 -4.93
N TYR A 186 -6.96 -22.90 -4.51
CA TYR A 186 -5.74 -23.68 -4.45
C TYR A 186 -4.67 -22.98 -3.60
N PHE A 187 -4.97 -22.80 -2.31
CA PHE A 187 -4.09 -22.09 -1.39
C PHE A 187 -3.73 -20.72 -1.97
N TRP A 188 -4.76 -19.97 -2.36
CA TRP A 188 -4.61 -18.59 -2.80
C TRP A 188 -3.69 -18.44 -4.01
N GLN A 189 -3.63 -19.47 -4.84
CA GLN A 189 -3.03 -19.34 -6.17
C GLN A 189 -3.87 -18.36 -6.99
N GLY A 190 -5.18 -18.42 -6.76
CA GLY A 190 -6.11 -17.59 -7.49
C GLY A 190 -6.65 -18.34 -8.70
N GLN A 191 -7.79 -17.89 -9.22
CA GLN A 191 -8.45 -18.58 -10.32
C GLN A 191 -9.34 -17.63 -11.12
N ILE A 192 -9.36 -17.84 -12.43
CA ILE A 192 -10.33 -17.19 -13.31
C ILE A 192 -11.33 -18.23 -13.76
N LEU A 193 -12.61 -17.91 -13.65
CA LEU A 193 -13.68 -18.78 -14.10
C LEU A 193 -14.62 -18.00 -15.00
N SER A 194 -15.15 -18.66 -16.03
CA SER A 194 -16.01 -17.99 -16.99
C SER A 194 -17.02 -18.94 -17.62
N ALA A 195 -18.23 -18.43 -17.83
CA ALA A 195 -19.29 -19.19 -18.48
C ALA A 195 -20.29 -18.24 -19.12
N THR A 196 -20.85 -18.64 -20.25
CA THR A 196 -21.87 -17.86 -20.93
C THR A 196 -23.15 -17.88 -20.10
N GLN A 197 -23.99 -16.87 -20.29
CA GLN A 197 -25.26 -16.80 -19.59
C GLN A 197 -26.16 -17.97 -19.96
N GLU A 198 -25.99 -18.47 -21.18
CA GLU A 198 -26.74 -19.64 -21.62
C GLU A 198 -26.28 -20.88 -20.86
N GLN A 199 -24.97 -21.06 -20.77
CA GLN A 199 -24.39 -22.21 -20.07
C GLN A 199 -24.81 -22.28 -18.60
N ILE A 200 -24.88 -21.11 -17.96
CA ILE A 200 -25.25 -21.03 -16.55
C ILE A 200 -26.71 -21.44 -16.35
N ALA A 201 -27.59 -20.90 -17.18
CA ALA A 201 -29.02 -21.15 -17.06
C ALA A 201 -29.39 -22.57 -17.50
N GLU A 202 -28.55 -23.16 -18.35
CA GLU A 202 -28.83 -24.48 -18.91
C GLU A 202 -28.71 -25.56 -17.84
N SER A 203 -27.77 -25.39 -16.92
CA SER A 203 -27.50 -26.36 -15.87
C SER A 203 -27.92 -25.85 -14.49
N TYR A 204 -28.72 -24.79 -14.47
CA TYR A 204 -29.19 -24.22 -13.22
C TYR A 204 -30.22 -25.13 -12.56
N TYR A 205 -29.88 -25.65 -11.38
CA TYR A 205 -30.74 -26.57 -10.65
C TYR A 205 -30.54 -26.35 -9.15
N PRO A 206 -31.33 -25.43 -8.56
CA PRO A 206 -31.09 -25.02 -7.17
C PRO A 206 -31.25 -26.12 -6.12
N GLU A 207 -31.89 -27.24 -6.48
CA GLU A 207 -32.04 -28.36 -5.56
C GLU A 207 -30.68 -28.94 -5.20
N TYR A 208 -29.74 -28.88 -6.14
CA TYR A 208 -28.38 -29.34 -5.93
C TYR A 208 -27.45 -28.14 -5.76
N LEU A 209 -26.76 -28.07 -4.63
CA LEU A 209 -25.96 -26.89 -4.27
C LEU A 209 -24.68 -26.77 -5.09
N ILE A 210 -24.11 -27.89 -5.49
CA ILE A 210 -22.84 -27.88 -6.22
C ILE A 210 -23.03 -27.43 -7.66
N ASN A 211 -22.06 -26.66 -8.15
CA ASN A 211 -22.08 -26.14 -9.51
C ASN A 211 -21.88 -27.25 -10.54
N LEU A 212 -22.75 -27.28 -11.55
CA LEU A 212 -22.70 -28.30 -12.58
C LEU A 212 -22.72 -27.69 -13.99
N VAL A 213 -22.25 -26.46 -14.11
CA VAL A 213 -22.18 -25.79 -15.40
C VAL A 213 -21.23 -26.53 -16.33
N GLN A 214 -21.74 -26.92 -17.49
CA GLN A 214 -20.95 -27.64 -18.49
C GLN A 214 -20.44 -26.69 -19.56
N GLY A 215 -19.19 -26.88 -19.97
CA GLY A 215 -18.55 -26.02 -20.95
C GLY A 215 -17.90 -24.82 -20.30
N GLN A 216 -17.84 -24.83 -18.97
CA GLN A 216 -17.27 -23.73 -18.21
C GLN A 216 -15.76 -23.67 -18.36
N LEU A 217 -15.25 -22.46 -18.64
CA LEU A 217 -13.81 -22.23 -18.74
C LEU A 217 -13.25 -21.82 -17.38
N GLN A 218 -12.10 -22.37 -17.02
CA GLN A 218 -11.45 -22.00 -15.78
C GLN A 218 -9.97 -22.36 -15.78
N THR A 219 -9.16 -21.51 -15.15
CA THR A 219 -7.73 -21.74 -15.05
C THR A 219 -7.47 -22.97 -14.20
N ARG A 220 -6.27 -23.53 -14.34
CA ARG A 220 -5.94 -24.82 -13.73
C ARG A 220 -5.06 -24.64 -12.51
N GLN A 221 -5.12 -25.60 -11.59
CA GLN A 221 -4.27 -25.59 -10.41
C GLN A 221 -2.81 -25.81 -10.79
N ALA A 222 -1.93 -24.99 -10.23
CA ALA A 222 -0.50 -25.09 -10.50
C ALA A 222 0.22 -25.66 -9.28
N SER A 223 1.54 -25.78 -9.39
CA SER A 223 2.34 -26.30 -8.28
C SER A 223 2.36 -25.31 -7.13
N SER A 224 2.83 -25.76 -5.97
CA SER A 224 2.73 -24.99 -4.73
C SER A 224 3.64 -23.75 -4.73
N ILE A 225 4.54 -23.65 -5.70
CA ILE A 225 5.42 -22.49 -5.77
C ILE A 225 4.64 -21.23 -6.16
N TYR A 226 3.41 -21.43 -6.64
CA TYR A 226 2.57 -20.32 -7.09
C TYR A 226 1.51 -19.95 -6.04
N ASP A 227 1.61 -20.51 -4.85
CA ASP A 227 0.66 -20.22 -3.79
C ASP A 227 0.74 -18.75 -3.36
N ASP A 228 -0.38 -18.25 -2.84
CA ASP A 228 -0.45 -16.88 -2.34
C ASP A 228 -0.08 -15.85 -3.41
N SER A 229 -0.66 -16.01 -4.60
CA SER A 229 -0.43 -15.09 -5.71
C SER A 229 -1.62 -14.16 -5.92
N TYR A 230 -2.79 -14.58 -5.44
CA TYR A 230 -4.03 -13.81 -5.55
C TYR A 230 -4.39 -13.53 -7.00
N LEU A 231 -4.18 -14.51 -7.87
CA LEU A 231 -4.60 -14.40 -9.26
C LEU A 231 -6.11 -14.18 -9.33
N GLY A 232 -6.52 -13.09 -9.97
CA GLY A 232 -7.93 -12.75 -10.07
C GLY A 232 -8.35 -11.74 -9.02
N TYR A 233 -7.37 -11.08 -8.40
CA TYR A 233 -7.63 -10.01 -7.44
C TYR A 233 -8.44 -8.90 -8.11
N SER A 234 -8.11 -8.63 -9.37
CA SER A 234 -8.85 -7.69 -10.19
C SER A 234 -8.95 -8.25 -11.61
N VAL A 235 -9.99 -7.84 -12.34
CA VAL A 235 -10.20 -8.36 -13.68
C VAL A 235 -10.77 -7.30 -14.63
N ALA A 236 -10.38 -7.39 -15.89
CA ALA A 236 -10.92 -6.55 -16.95
C ALA A 236 -10.89 -7.33 -18.25
N VAL A 237 -11.54 -6.80 -19.28
CA VAL A 237 -11.60 -7.47 -20.56
C VAL A 237 -11.21 -6.52 -21.70
N GLY A 238 -10.66 -7.11 -22.76
CA GLY A 238 -10.24 -6.36 -23.93
C GLY A 238 -9.64 -7.31 -24.94
N GLU A 239 -9.62 -6.91 -26.21
CA GLU A 239 -9.10 -7.77 -27.28
C GLU A 239 -7.59 -7.55 -27.45
N PHE A 240 -6.83 -8.64 -27.28
CA PHE A 240 -5.37 -8.59 -27.34
C PHE A 240 -4.79 -9.70 -28.19
N SER A 241 -5.64 -10.53 -28.78
CA SER A 241 -5.19 -11.72 -29.50
C SER A 241 -5.40 -11.64 -31.01
N GLY A 242 -6.09 -10.60 -31.47
CA GLY A 242 -6.25 -10.36 -32.89
C GLY A 242 -7.46 -11.02 -33.53
N ASP A 243 -8.43 -11.44 -32.70
CA ASP A 243 -9.67 -12.03 -33.19
C ASP A 243 -10.87 -11.19 -32.69
N ASP A 244 -12.05 -11.80 -32.65
CA ASP A 244 -13.27 -11.10 -32.26
C ASP A 244 -13.85 -11.63 -30.94
N THR A 245 -13.00 -12.32 -30.17
CA THR A 245 -13.40 -12.83 -28.85
C THR A 245 -12.59 -12.12 -27.78
N GLU A 246 -13.25 -11.27 -26.99
CA GLU A 246 -12.56 -10.46 -25.99
C GLU A 246 -11.79 -11.33 -25.01
N ASP A 247 -10.58 -10.88 -24.67
CA ASP A 247 -9.67 -11.63 -23.82
C ASP A 247 -9.75 -11.17 -22.38
N PHE A 248 -9.23 -11.99 -21.47
CA PHE A 248 -9.32 -11.73 -20.03
C PHE A 248 -8.02 -11.16 -19.46
N VAL A 249 -8.12 -9.98 -18.85
CA VAL A 249 -7.00 -9.37 -18.15
C VAL A 249 -7.17 -9.60 -16.66
N ALA A 250 -6.15 -10.20 -16.03
CA ALA A 250 -6.23 -10.53 -14.61
C ALA A 250 -5.01 -10.05 -13.84
N GLY A 251 -5.26 -9.45 -12.68
CA GLY A 251 -4.20 -9.03 -11.79
C GLY A 251 -3.73 -10.16 -10.90
N VAL A 252 -2.42 -10.25 -10.71
CA VAL A 252 -1.81 -11.24 -9.84
C VAL A 252 -0.82 -10.51 -8.93
N PRO A 253 -1.33 -9.74 -7.98
CA PRO A 253 -0.56 -8.74 -7.21
C PRO A 253 0.50 -9.29 -6.26
N LYS A 254 0.46 -10.58 -5.96
CA LYS A 254 1.45 -11.18 -5.07
C LYS A 254 2.28 -12.25 -5.77
N GLY A 255 2.13 -12.33 -7.10
CA GLY A 255 2.90 -13.27 -7.89
C GLY A 255 4.34 -12.82 -8.06
N ASN A 256 5.24 -13.78 -8.28
CA ASN A 256 6.65 -13.49 -8.48
C ASN A 256 7.27 -12.71 -7.33
N LEU A 257 7.39 -13.36 -6.17
CA LEU A 257 8.01 -12.76 -5.00
C LEU A 257 7.30 -11.47 -4.57
N THR A 258 5.99 -11.44 -4.78
CA THR A 258 5.16 -10.30 -4.40
C THR A 258 5.55 -9.00 -5.12
N TYR A 259 6.31 -9.13 -6.20
CA TYR A 259 6.52 -8.00 -7.11
C TYR A 259 5.25 -7.79 -7.92
N GLY A 260 4.44 -8.84 -8.01
CA GLY A 260 3.16 -8.78 -8.67
C GLY A 260 3.28 -8.77 -10.18
N TYR A 261 2.27 -9.32 -10.86
CA TYR A 261 2.21 -9.26 -12.31
C TYR A 261 0.78 -9.34 -12.82
N VAL A 262 0.57 -8.84 -14.03
CA VAL A 262 -0.72 -8.89 -14.69
C VAL A 262 -0.62 -9.85 -15.86
N THR A 263 -1.68 -10.62 -16.10
CA THR A 263 -1.68 -11.60 -17.18
C THR A 263 -2.89 -11.40 -18.08
N ILE A 264 -2.71 -11.72 -19.37
CA ILE A 264 -3.79 -11.67 -20.33
C ILE A 264 -4.06 -13.06 -20.83
N LEU A 265 -5.32 -13.47 -20.80
CA LEU A 265 -5.70 -14.83 -21.13
C LEU A 265 -6.63 -14.84 -22.33
N ASN A 266 -6.45 -15.82 -23.20
CA ASN A 266 -7.26 -16.01 -24.41
C ASN A 266 -8.73 -16.27 -24.14
N GLY A 267 -9.60 -15.35 -24.53
CA GLY A 267 -11.01 -15.50 -24.23
C GLY A 267 -11.66 -16.75 -24.78
N SER A 268 -10.92 -17.49 -25.60
CA SER A 268 -11.45 -18.70 -26.23
C SER A 268 -11.18 -19.94 -25.39
N ASP A 269 -9.96 -20.07 -24.88
CA ASP A 269 -9.55 -21.23 -24.11
C ASP A 269 -8.74 -20.85 -22.86
N ILE A 270 -8.91 -19.60 -22.43
CA ILE A 270 -8.31 -19.08 -21.20
C ILE A 270 -6.80 -19.35 -21.05
N ARG A 271 -6.14 -19.75 -22.14
CA ARG A 271 -4.70 -19.98 -22.13
C ARG A 271 -3.96 -18.65 -22.01
N SER A 272 -2.77 -18.69 -21.41
CA SER A 272 -2.01 -17.47 -21.14
C SER A 272 -1.35 -16.94 -22.42
N LEU A 273 -1.44 -15.62 -22.60
CA LEU A 273 -0.89 -14.95 -23.78
C LEU A 273 0.26 -14.01 -23.44
N TYR A 274 0.05 -13.14 -22.46
CA TYR A 274 1.04 -12.15 -22.07
C TYR A 274 1.16 -12.01 -20.55
N ASN A 275 2.34 -11.59 -20.11
CA ASN A 275 2.57 -11.25 -18.70
C ASN A 275 3.22 -9.87 -18.58
N PHE A 276 2.88 -9.15 -17.52
CA PHE A 276 3.48 -7.84 -17.24
C PHE A 276 3.81 -7.76 -15.75
N SER A 277 5.08 -7.49 -15.44
CA SER A 277 5.56 -7.53 -14.07
C SER A 277 5.75 -6.15 -13.45
N GLY A 278 5.58 -6.08 -12.13
CA GLY A 278 5.77 -4.85 -11.38
C GLY A 278 7.24 -4.58 -11.12
N GLU A 279 7.54 -3.36 -10.67
CA GLU A 279 8.92 -2.93 -10.52
C GLU A 279 9.38 -2.85 -9.07
N GLN A 280 8.45 -3.04 -8.14
CA GLN A 280 8.77 -2.90 -6.72
C GLN A 280 8.01 -3.94 -5.88
N MET A 281 8.70 -4.51 -4.90
CA MET A 281 8.11 -5.51 -4.02
C MET A 281 6.95 -4.93 -3.21
N ALA A 282 5.83 -5.65 -3.21
CA ALA A 282 4.67 -5.30 -2.39
C ALA A 282 4.10 -3.91 -2.74
N SER A 283 4.19 -3.55 -4.02
CA SER A 283 3.54 -2.34 -4.51
C SER A 283 2.09 -2.64 -4.91
N TYR A 284 1.74 -3.92 -4.87
CA TYR A 284 0.43 -4.39 -5.29
C TYR A 284 0.16 -4.05 -6.77
N PHE A 285 1.17 -4.26 -7.60
CA PHE A 285 1.02 -4.16 -9.05
C PHE A 285 -0.01 -5.17 -9.52
N GLY A 286 -1.16 -4.67 -9.97
CA GLY A 286 -2.26 -5.52 -10.38
C GLY A 286 -3.45 -5.37 -9.45
N TYR A 287 -3.39 -4.39 -8.56
CA TYR A 287 -4.51 -4.08 -7.67
C TYR A 287 -5.73 -3.72 -8.50
N ALA A 288 -5.49 -3.03 -9.61
CA ALA A 288 -6.54 -2.62 -10.53
C ALA A 288 -6.05 -2.69 -11.97
N VAL A 289 -6.91 -3.15 -12.87
CA VAL A 289 -6.56 -3.27 -14.27
C VAL A 289 -7.68 -2.75 -15.17
N ALA A 290 -7.31 -2.30 -16.36
CA ALA A 290 -8.28 -1.79 -17.31
C ALA A 290 -7.75 -1.91 -18.74
N ALA A 291 -8.66 -2.05 -19.69
CA ALA A 291 -8.30 -2.16 -21.10
C ALA A 291 -9.15 -1.21 -21.93
N THR A 292 -8.49 -0.33 -22.66
CA THR A 292 -9.17 0.62 -23.53
C THR A 292 -8.19 1.27 -24.49
N ASP A 293 -8.66 1.61 -25.69
CA ASP A 293 -7.81 2.25 -26.68
C ASP A 293 -7.65 3.74 -26.36
N VAL A 294 -6.44 4.12 -25.93
CA VAL A 294 -6.19 5.49 -25.48
C VAL A 294 -5.53 6.37 -26.54
N ASN A 295 -5.26 5.80 -27.72
CA ASN A 295 -4.61 6.55 -28.79
C ASN A 295 -5.27 6.36 -30.16
N GLY A 296 -6.52 5.91 -30.16
CA GLY A 296 -7.35 5.90 -31.35
C GLY A 296 -6.81 5.15 -32.54
N ASP A 297 -6.07 4.07 -32.30
CA ASP A 297 -5.57 3.24 -33.40
C ASP A 297 -6.35 1.93 -33.52
N GLY A 298 -7.37 1.77 -32.67
CA GLY A 298 -8.26 0.62 -32.75
C GLY A 298 -7.80 -0.57 -31.91
N LEU A 299 -6.61 -0.46 -31.32
CA LEU A 299 -6.07 -1.53 -30.49
C LEU A 299 -6.21 -1.20 -29.01
N ASP A 300 -6.86 -2.09 -28.26
CA ASP A 300 -7.04 -1.90 -26.82
C ASP A 300 -5.70 -1.87 -26.09
N ASP A 301 -5.50 -0.84 -25.29
CA ASP A 301 -4.27 -0.67 -24.53
C ASP A 301 -4.50 -1.03 -23.07
N LEU A 302 -3.46 -1.50 -22.41
CA LEU A 302 -3.55 -1.98 -21.04
C LEU A 302 -3.15 -0.90 -20.04
N LEU A 303 -3.89 -0.83 -18.93
CA LEU A 303 -3.53 0.02 -17.79
C LEU A 303 -3.51 -0.80 -16.50
N VAL A 304 -2.47 -0.60 -15.70
CA VAL A 304 -2.30 -1.32 -14.44
C VAL A 304 -1.98 -0.35 -13.30
N GLY A 305 -2.56 -0.62 -12.12
CA GLY A 305 -2.37 0.22 -10.94
C GLY A 305 -1.55 -0.45 -9.86
N ALA A 306 -0.66 0.33 -9.25
CA ALA A 306 0.17 -0.13 -8.14
C ALA A 306 0.16 0.91 -7.03
N PRO A 307 -0.92 0.95 -6.22
CA PRO A 307 -1.16 2.04 -5.29
C PRO A 307 -0.22 2.13 -4.09
N LEU A 308 0.63 1.12 -3.89
CA LEU A 308 1.57 1.13 -2.76
C LEU A 308 2.97 1.46 -3.22
N LEU A 309 3.12 1.86 -4.48
CA LEU A 309 4.42 2.19 -5.04
C LEU A 309 5.07 3.30 -4.21
N MET A 310 6.33 3.06 -3.83
CA MET A 310 7.08 3.97 -2.97
C MET A 310 8.25 4.59 -3.72
N ASP A 311 8.26 5.92 -3.81
CA ASP A 311 9.36 6.65 -4.44
C ASP A 311 9.99 7.63 -3.47
N ARG A 312 11.03 8.32 -3.91
CA ARG A 312 11.76 9.25 -3.05
C ARG A 312 11.64 10.69 -3.54
N THR A 313 11.50 11.61 -2.59
CA THR A 313 11.49 13.03 -2.87
C THR A 313 12.89 13.49 -3.23
N PRO A 314 13.02 14.69 -3.81
CA PRO A 314 14.35 15.21 -4.17
C PRO A 314 15.30 15.32 -2.98
N ASP A 315 14.77 15.59 -1.79
CA ASP A 315 15.59 15.73 -0.60
C ASP A 315 15.80 14.39 0.13
N GLY A 316 15.41 13.29 -0.52
CA GLY A 316 15.80 11.96 -0.10
C GLY A 316 14.84 11.22 0.81
N ARG A 317 13.64 11.75 0.99
CA ARG A 317 12.66 11.12 1.88
C ARG A 317 11.75 10.15 1.12
N PRO A 318 11.55 8.93 1.65
CA PRO A 318 10.65 7.99 0.99
C PRO A 318 9.17 8.31 1.25
N GLN A 319 8.30 7.93 0.33
CA GLN A 319 6.87 8.22 0.45
C GLN A 319 6.00 7.32 -0.42
N GLU A 320 4.95 6.77 0.19
CA GLU A 320 3.97 5.97 -0.53
C GLU A 320 3.07 6.88 -1.34
N VAL A 321 3.05 6.70 -2.67
CA VAL A 321 2.27 7.59 -3.54
C VAL A 321 1.42 6.81 -4.53
N GLY A 322 1.93 5.68 -5.00
CA GLY A 322 1.22 4.87 -5.97
C GLY A 322 1.62 5.24 -7.39
N ARG A 323 1.41 4.32 -8.32
CA ARG A 323 1.83 4.52 -9.70
C ARG A 323 0.96 3.70 -10.65
N VAL A 324 0.69 4.25 -11.83
CA VAL A 324 -0.06 3.57 -12.88
C VAL A 324 0.81 3.37 -14.11
N TYR A 325 0.71 2.18 -14.71
CA TYR A 325 1.50 1.82 -15.89
C TYR A 325 0.59 1.62 -17.09
N VAL A 326 1.01 2.14 -18.23
CA VAL A 326 0.25 2.05 -19.47
C VAL A 326 1.05 1.31 -20.55
N TYR A 327 0.43 0.29 -21.14
CA TYR A 327 1.07 -0.51 -22.18
C TYR A 327 0.29 -0.38 -23.49
N LEU A 328 0.85 0.32 -24.47
CA LEU A 328 0.19 0.51 -25.75
C LEU A 328 0.33 -0.73 -26.63
N GLN A 329 -0.80 -1.21 -27.14
CA GLN A 329 -0.80 -2.34 -28.05
C GLN A 329 -0.42 -1.90 -29.45
N HIS A 330 0.28 -2.78 -30.17
CA HIS A 330 0.63 -2.54 -31.57
C HIS A 330 0.33 -3.80 -32.38
N PRO A 331 0.25 -3.64 -33.72
CA PRO A 331 -0.20 -4.75 -34.58
C PRO A 331 0.57 -6.06 -34.41
N ALA A 332 1.75 -6.01 -33.80
CA ALA A 332 2.56 -7.22 -33.62
C ALA A 332 2.36 -7.82 -32.22
N GLY A 333 1.84 -7.01 -31.30
CA GLY A 333 1.59 -7.48 -29.96
C GLY A 333 1.66 -6.36 -28.93
N ILE A 334 2.40 -6.63 -27.86
CA ILE A 334 2.53 -5.69 -26.75
C ILE A 334 3.93 -5.82 -26.16
N GLU A 335 4.49 -4.70 -25.70
CA GLU A 335 5.80 -4.75 -25.03
C GLU A 335 5.63 -4.97 -23.53
N PRO A 336 6.56 -5.72 -22.92
CA PRO A 336 6.44 -6.03 -21.48
C PRO A 336 6.69 -4.82 -20.58
N THR A 337 7.40 -3.82 -21.10
CA THR A 337 7.72 -2.62 -20.33
C THR A 337 6.74 -1.50 -20.66
N PRO A 338 6.39 -0.66 -19.66
CA PRO A 338 5.36 0.35 -19.89
C PRO A 338 5.76 1.44 -20.88
N THR A 339 4.80 1.93 -21.66
CA THR A 339 5.01 3.07 -22.54
C THR A 339 5.07 4.34 -21.71
N LEU A 340 4.28 4.37 -20.65
CA LEU A 340 4.13 5.55 -19.81
C LEU A 340 3.85 5.15 -18.37
N THR A 341 4.34 5.95 -17.43
CA THR A 341 4.03 5.75 -16.01
C THR A 341 3.54 7.05 -15.39
N LEU A 342 2.44 6.96 -14.64
CA LEU A 342 1.89 8.09 -13.92
C LEU A 342 2.08 7.88 -12.43
N THR A 343 2.65 8.87 -11.75
CA THR A 343 2.97 8.76 -10.33
C THR A 343 2.13 9.74 -9.50
N GLY A 344 1.57 9.24 -8.40
CA GLY A 344 0.82 10.08 -7.49
C GLY A 344 1.72 11.06 -6.78
N HIS A 345 1.13 12.12 -6.21
CA HIS A 345 1.89 13.16 -5.53
C HIS A 345 1.44 13.34 -4.07
N ASP A 346 0.42 12.58 -3.69
CA ASP A 346 -0.09 12.60 -2.32
C ASP A 346 0.45 11.41 -1.53
N GLU A 347 1.12 11.69 -0.42
CA GLU A 347 1.66 10.63 0.43
C GLU A 347 0.50 9.80 1.00
N PHE A 348 0.65 8.48 0.93
CA PHE A 348 -0.40 7.53 1.33
C PHE A 348 -1.68 7.78 0.54
N GLY A 349 -1.55 8.35 -0.66
CA GLY A 349 -2.69 8.71 -1.47
C GLY A 349 -3.36 7.51 -2.15
N ARG A 350 -2.58 6.46 -2.37
CA ARG A 350 -3.06 5.24 -3.04
C ARG A 350 -3.49 5.53 -4.48
N PHE A 351 -2.67 6.29 -5.19
CA PHE A 351 -2.92 6.58 -6.60
C PHE A 351 -2.86 5.31 -7.44
N GLY A 352 -3.97 5.00 -8.12
CA GLY A 352 -4.05 3.84 -8.99
C GLY A 352 -4.83 2.70 -8.38
N SER A 353 -5.59 2.97 -7.33
CA SER A 353 -6.40 1.96 -6.67
C SER A 353 -7.57 1.54 -7.56
N SER A 354 -8.02 2.47 -8.39
CA SER A 354 -9.13 2.20 -9.31
C SER A 354 -8.86 2.85 -10.66
N LEU A 355 -9.33 2.19 -11.71
CA LEU A 355 -9.16 2.66 -13.08
C LEU A 355 -10.47 2.40 -13.83
N THR A 356 -10.85 3.34 -14.69
CA THR A 356 -12.00 3.12 -15.57
C THR A 356 -11.84 3.86 -16.89
N PRO A 357 -12.23 3.21 -17.99
CA PRO A 357 -12.34 3.95 -19.25
C PRO A 357 -13.42 5.03 -19.16
N LEU A 358 -13.21 6.14 -19.83
CA LEU A 358 -14.18 7.24 -19.83
C LEU A 358 -14.83 7.40 -21.20
N GLY A 359 -14.43 6.57 -22.16
CA GLY A 359 -14.78 6.79 -23.54
C GLY A 359 -14.10 8.07 -23.98
N ASP A 360 -14.62 8.69 -25.03
CA ASP A 360 -14.09 9.98 -25.48
C ASP A 360 -14.85 11.10 -24.81
N LEU A 361 -14.25 11.67 -23.77
CA LEU A 361 -14.91 12.68 -22.94
C LEU A 361 -15.24 13.96 -23.72
N ASP A 362 -14.26 14.48 -24.46
CA ASP A 362 -14.41 15.75 -25.16
C ASP A 362 -14.67 15.54 -26.66
N GLN A 363 -14.89 14.29 -27.06
CA GLN A 363 -15.22 13.97 -28.46
C GLN A 363 -14.13 14.47 -29.41
N ASP A 364 -12.87 14.28 -29.02
CA ASP A 364 -11.74 14.74 -29.82
C ASP A 364 -11.07 13.60 -30.58
N GLY A 365 -11.69 12.41 -30.56
CA GLY A 365 -11.19 11.26 -31.29
C GLY A 365 -10.30 10.33 -30.50
N TYR A 366 -10.06 10.68 -29.23
CA TYR A 366 -9.20 9.88 -28.36
C TYR A 366 -9.86 9.65 -27.00
N ASN A 367 -10.04 8.38 -26.66
CA ASN A 367 -10.65 8.00 -25.39
C ASN A 367 -9.81 8.45 -24.21
N ASP A 368 -10.47 8.76 -23.10
CA ASP A 368 -9.80 9.27 -21.91
C ASP A 368 -9.94 8.27 -20.76
N VAL A 369 -9.23 8.55 -19.66
CA VAL A 369 -9.15 7.63 -18.53
C VAL A 369 -9.29 8.35 -17.20
N ALA A 370 -9.94 7.70 -16.24
CA ALA A 370 -10.03 8.22 -14.88
C ALA A 370 -9.26 7.32 -13.91
N ILE A 371 -8.49 7.95 -13.02
CA ILE A 371 -7.69 7.22 -12.04
C ILE A 371 -7.97 7.75 -10.64
N GLY A 372 -8.34 6.84 -9.73
CA GLY A 372 -8.67 7.19 -8.37
C GLY A 372 -7.49 7.17 -7.43
N ALA A 373 -7.52 8.07 -6.45
CA ALA A 373 -6.55 8.09 -5.34
C ALA A 373 -7.32 8.28 -4.04
N PRO A 374 -7.96 7.20 -3.56
CA PRO A 374 -8.98 7.24 -2.49
C PRO A 374 -8.61 8.05 -1.24
N PHE A 375 -7.34 8.32 -1.02
CA PHE A 375 -6.90 9.05 0.16
C PHE A 375 -6.11 10.31 -0.18
N GLY A 376 -6.20 10.75 -1.43
CA GLY A 376 -5.56 11.98 -1.85
C GLY A 376 -6.34 13.19 -1.37
N GLY A 377 -5.83 14.39 -1.67
CA GLY A 377 -6.46 15.63 -1.26
C GLY A 377 -5.83 16.20 -0.01
N GLU A 378 -6.14 17.46 0.28
CA GLU A 378 -5.55 18.15 1.42
C GLU A 378 -6.13 17.67 2.75
N THR A 379 -7.29 17.01 2.68
CA THR A 379 -7.93 16.47 3.87
C THR A 379 -8.10 14.95 3.77
N GLN A 380 -7.38 14.34 2.82
CA GLN A 380 -7.36 12.89 2.65
C GLN A 380 -8.76 12.31 2.43
N GLN A 381 -9.61 13.04 1.73
CA GLN A 381 -10.97 12.57 1.43
C GLN A 381 -10.99 11.70 0.18
N GLY A 382 -10.00 11.89 -0.69
CA GLY A 382 -9.92 11.15 -1.93
C GLY A 382 -10.00 12.06 -3.14
N VAL A 383 -9.45 11.60 -4.26
CA VAL A 383 -9.39 12.39 -5.48
C VAL A 383 -9.54 11.49 -6.70
N VAL A 384 -10.10 12.03 -7.78
CA VAL A 384 -10.16 11.35 -9.06
C VAL A 384 -9.51 12.20 -10.13
N PHE A 385 -8.55 11.62 -10.85
CA PHE A 385 -7.83 12.32 -11.90
C PHE A 385 -8.31 11.88 -13.28
N VAL A 386 -8.61 12.84 -14.14
CA VAL A 386 -8.96 12.56 -15.53
C VAL A 386 -7.75 12.84 -16.42
N PHE A 387 -7.33 11.84 -17.17
CA PHE A 387 -6.18 11.97 -18.06
C PHE A 387 -6.62 11.87 -19.53
N PRO A 388 -6.21 12.85 -20.36
CA PRO A 388 -6.65 12.86 -21.75
C PRO A 388 -5.84 11.92 -22.66
N GLY A 389 -6.53 11.19 -23.52
CA GLY A 389 -5.87 10.37 -24.52
C GLY A 389 -5.39 11.23 -25.67
N GLY A 390 -4.45 10.71 -26.46
CA GLY A 390 -3.93 11.43 -27.60
C GLY A 390 -3.21 10.51 -28.56
N PRO A 391 -2.71 11.06 -29.68
CA PRO A 391 -2.04 10.26 -30.71
C PRO A 391 -0.77 9.58 -30.20
N GLY A 392 -0.15 10.18 -29.19
CA GLY A 392 1.07 9.65 -28.60
C GLY A 392 0.81 8.85 -27.34
N GLY A 393 -0.46 8.62 -27.04
CA GLY A 393 -0.86 7.89 -25.85
C GLY A 393 -1.50 8.80 -24.83
N LEU A 394 -1.60 8.32 -23.59
CA LEU A 394 -2.21 9.08 -22.51
C LEU A 394 -1.32 10.25 -22.11
N GLY A 395 -1.95 11.37 -21.77
CA GLY A 395 -1.21 12.53 -21.31
C GLY A 395 -0.66 12.32 -19.91
N SER A 396 0.50 12.91 -19.64
CA SER A 396 1.16 12.75 -18.35
C SER A 396 0.69 13.77 -17.32
N LYS A 397 -0.20 14.67 -17.74
CA LYS A 397 -0.78 15.66 -16.84
C LYS A 397 -2.31 15.59 -16.89
N PRO A 398 -2.97 15.70 -15.73
CA PRO A 398 -4.44 15.59 -15.74
C PRO A 398 -5.12 16.77 -16.42
N SER A 399 -6.21 16.50 -17.13
CA SER A 399 -7.01 17.56 -17.74
C SER A 399 -8.11 18.02 -16.78
N GLN A 400 -8.33 17.25 -15.71
CA GLN A 400 -9.31 17.63 -14.70
C GLN A 400 -9.08 16.85 -13.39
N VAL A 401 -9.48 17.47 -12.28
CA VAL A 401 -9.31 16.86 -10.96
C VAL A 401 -10.62 16.97 -10.18
N LEU A 402 -11.20 15.83 -9.86
CA LEU A 402 -12.48 15.78 -9.15
C LEU A 402 -12.28 15.51 -7.66
N GLN A 403 -12.94 16.30 -6.83
CA GLN A 403 -12.89 16.13 -5.38
C GLN A 403 -14.28 16.35 -4.78
N PRO A 404 -14.54 15.76 -3.60
CA PRO A 404 -15.84 15.98 -2.95
C PRO A 404 -16.02 17.42 -2.49
N LEU A 405 -17.22 17.97 -2.66
CA LEU A 405 -17.50 19.35 -2.28
C LEU A 405 -17.92 19.45 -0.82
N TRP A 406 -18.22 18.31 -0.20
CA TRP A 406 -18.58 18.28 1.22
C TRP A 406 -17.33 18.24 2.09
N ALA A 407 -17.48 18.66 3.34
CA ALA A 407 -16.34 18.74 4.25
C ALA A 407 -15.92 17.37 4.76
N ALA A 408 -14.67 17.26 5.20
CA ALA A 408 -14.17 16.03 5.80
C ALA A 408 -14.86 15.77 7.13
N SER A 409 -14.92 14.50 7.53
CA SER A 409 -15.57 14.11 8.77
C SER A 409 -14.68 13.22 9.62
N HIS A 410 -15.25 12.62 10.65
CA HIS A 410 -14.52 11.80 11.61
C HIS A 410 -13.91 10.55 10.97
N THR A 411 -14.41 10.16 9.81
CA THR A 411 -14.00 8.93 9.13
C THR A 411 -13.63 9.20 7.67
N PRO A 412 -12.68 8.43 7.11
CA PRO A 412 -12.29 8.64 5.70
C PRO A 412 -13.46 8.48 4.73
N ASP A 413 -13.43 9.23 3.63
CA ASP A 413 -14.53 9.23 2.66
C ASP A 413 -14.36 8.14 1.61
N PHE A 414 -13.12 7.78 1.32
CA PHE A 414 -12.79 6.80 0.27
C PHE A 414 -13.30 7.27 -1.11
N PHE A 415 -13.31 8.58 -1.33
CA PHE A 415 -13.77 9.14 -2.60
C PHE A 415 -12.87 8.71 -3.75
N GLY A 416 -13.44 7.99 -4.71
CA GLY A 416 -12.72 7.57 -5.90
C GLY A 416 -12.26 6.13 -5.84
N SER A 417 -12.69 5.41 -4.81
CA SER A 417 -12.29 4.02 -4.63
C SER A 417 -13.05 3.10 -5.59
N ALA A 418 -14.14 3.61 -6.16
CA ALA A 418 -14.91 2.90 -7.16
C ALA A 418 -15.32 3.83 -8.30
N LEU A 419 -14.98 3.44 -9.51
CA LEU A 419 -15.22 4.26 -10.71
C LEU A 419 -15.95 3.47 -11.78
N ARG A 420 -16.72 4.18 -12.60
CA ARG A 420 -17.33 3.58 -13.78
C ARG A 420 -17.71 4.67 -14.78
N GLY A 421 -17.17 4.57 -15.99
CA GLY A 421 -17.45 5.51 -17.04
C GLY A 421 -17.57 4.84 -18.40
N GLY A 422 -17.67 5.65 -19.45
CA GLY A 422 -17.71 5.14 -20.81
C GLY A 422 -19.10 4.96 -21.37
N ARG A 423 -20.11 5.43 -20.63
CA ARG A 423 -21.50 5.34 -21.06
C ARG A 423 -22.21 6.69 -20.89
N ASP A 424 -23.20 6.94 -21.73
CA ASP A 424 -23.95 8.18 -21.71
C ASP A 424 -25.26 7.98 -20.93
N LEU A 425 -25.37 8.67 -19.81
CA LEU A 425 -26.45 8.45 -18.86
C LEU A 425 -27.71 9.26 -19.20
N ASP A 426 -27.52 10.42 -19.83
CA ASP A 426 -28.61 11.33 -20.13
C ASP A 426 -28.84 11.49 -21.63
N GLY A 427 -28.01 10.83 -22.44
CA GLY A 427 -28.20 10.82 -23.87
C GLY A 427 -27.93 12.14 -24.56
N ASN A 428 -26.92 12.87 -24.09
CA ASN A 428 -26.56 14.15 -24.70
C ASN A 428 -25.36 14.01 -25.65
N GLY A 429 -24.90 12.79 -25.84
CA GLY A 429 -23.80 12.51 -26.76
C GLY A 429 -22.43 12.54 -26.10
N TYR A 430 -22.39 12.93 -24.84
CA TYR A 430 -21.15 12.97 -24.06
C TYR A 430 -21.16 11.94 -22.95
N PRO A 431 -20.10 11.14 -22.81
CA PRO A 431 -20.07 10.09 -21.78
C PRO A 431 -19.97 10.64 -20.37
N ASP A 432 -20.46 9.88 -19.40
CA ASP A 432 -20.55 10.34 -18.00
C ASP A 432 -19.77 9.42 -17.07
N LEU A 433 -19.66 9.83 -15.80
CA LEU A 433 -18.80 9.16 -14.83
C LEU A 433 -19.49 8.99 -13.47
N ILE A 434 -19.39 7.77 -12.92
CA ILE A 434 -19.88 7.48 -11.58
C ILE A 434 -18.69 7.29 -10.64
N VAL A 435 -18.69 8.03 -9.54
CA VAL A 435 -17.64 7.92 -8.53
C VAL A 435 -18.24 7.49 -7.20
N GLY A 436 -17.68 6.42 -6.63
CA GLY A 436 -18.13 5.93 -5.34
C GLY A 436 -17.38 6.57 -4.19
N SER A 437 -18.07 6.74 -3.06
CA SER A 437 -17.46 7.26 -1.86
C SER A 437 -18.06 6.55 -0.64
N PHE A 438 -17.78 5.26 -0.52
CA PHE A 438 -18.49 4.41 0.43
C PHE A 438 -18.19 4.75 1.89
N GLY A 439 -17.11 5.46 2.13
CA GLY A 439 -16.74 5.85 3.48
C GLY A 439 -17.81 6.69 4.15
N VAL A 440 -18.50 7.49 3.34
CA VAL A 440 -19.58 8.35 3.82
C VAL A 440 -20.92 7.92 3.19
N ASP A 441 -20.94 6.72 2.62
CA ASP A 441 -22.14 6.15 2.03
C ASP A 441 -22.74 7.06 0.96
N LYS A 442 -21.91 7.42 -0.03
CA LYS A 442 -22.35 8.28 -1.13
C LYS A 442 -21.77 7.81 -2.46
N ALA A 443 -22.50 8.09 -3.53
CA ALA A 443 -22.01 7.89 -4.89
C ALA A 443 -22.33 9.14 -5.70
N VAL A 444 -21.35 9.61 -6.47
CA VAL A 444 -21.46 10.86 -7.20
C VAL A 444 -21.46 10.60 -8.71
N VAL A 445 -22.39 11.25 -9.41
CA VAL A 445 -22.49 11.15 -10.86
C VAL A 445 -22.07 12.46 -11.50
N TYR A 446 -20.99 12.41 -12.29
CA TYR A 446 -20.51 13.57 -13.03
C TYR A 446 -20.93 13.46 -14.49
N ARG A 447 -21.56 14.53 -14.99
CA ARG A 447 -22.02 14.56 -16.38
C ARG A 447 -21.08 15.37 -17.27
N GLY A 448 -20.89 14.91 -18.50
CA GLY A 448 -20.08 15.61 -19.47
C GLY A 448 -20.88 16.64 -20.22
N ARG A 449 -20.53 17.92 -20.02
CA ARG A 449 -21.19 19.01 -20.73
C ARG A 449 -20.42 19.33 -22.01
N PRO A 450 -21.13 19.74 -23.08
CA PRO A 450 -20.39 20.18 -24.26
C PRO A 450 -19.58 21.44 -23.96
N VAL A 451 -18.27 21.36 -24.09
CA VAL A 451 -17.39 22.47 -23.74
C VAL A 451 -16.33 22.71 -24.80
N VAL A 452 -15.56 23.77 -24.63
CA VAL A 452 -14.42 24.07 -25.50
C VAL A 452 -13.22 24.50 -24.65
N ASN B 5 26.34 37.88 -20.00
CA ASN B 5 25.94 37.23 -18.76
C ASN B 5 24.49 37.53 -18.41
N ARG B 6 24.02 36.95 -17.30
CA ARG B 6 22.61 37.05 -16.91
C ARG B 6 22.37 38.14 -15.87
N CYS B 7 23.40 38.87 -15.50
CA CYS B 7 23.25 39.99 -14.57
C CYS B 7 22.66 41.19 -15.30
N LEU B 8 23.15 41.45 -16.51
CA LEU B 8 22.64 42.53 -17.33
C LEU B 8 21.33 42.14 -18.00
N LYS B 9 21.22 40.87 -18.36
CA LYS B 9 20.02 40.36 -19.02
C LYS B 9 18.84 40.22 -18.05
N ALA B 10 19.11 40.46 -16.76
CA ALA B 10 18.06 40.41 -15.74
C ALA B 10 17.29 41.73 -15.70
N ASN B 11 17.93 42.80 -16.15
CA ASN B 11 17.36 44.15 -16.05
C ASN B 11 16.94 44.46 -14.62
N ALA B 12 17.92 44.47 -13.72
CA ALA B 12 17.67 44.78 -12.31
C ALA B 12 17.37 46.26 -12.14
N LYS B 13 16.18 46.55 -11.60
CA LYS B 13 15.72 47.92 -11.42
C LYS B 13 16.12 48.48 -10.05
N SER B 14 16.53 47.58 -9.15
CA SER B 14 16.95 47.97 -7.81
C SER B 14 18.07 47.06 -7.32
N CYS B 15 18.64 47.39 -6.17
CA CYS B 15 19.67 46.56 -5.57
C CYS B 15 19.10 45.20 -5.19
N GLY B 16 17.82 45.18 -4.80
CA GLY B 16 17.16 43.96 -4.40
C GLY B 16 17.12 42.90 -5.49
N GLU B 17 16.53 43.25 -6.64
CA GLU B 17 16.36 42.32 -7.75
C GLU B 17 17.69 41.70 -8.18
N CYS B 18 18.76 42.48 -8.11
CA CYS B 18 20.07 42.05 -8.59
C CYS B 18 20.62 40.87 -7.78
N ILE B 19 20.28 40.84 -6.49
CA ILE B 19 20.80 39.81 -5.60
C ILE B 19 20.17 38.45 -5.87
N GLN B 20 18.85 38.41 -5.99
CA GLN B 20 18.12 37.16 -6.18
C GLN B 20 18.35 36.56 -7.56
N ALA B 21 18.94 37.35 -8.47
CA ALA B 21 19.21 36.90 -9.84
C ALA B 21 20.70 36.71 -10.07
N GLY B 22 21.21 35.55 -9.66
CA GLY B 22 22.61 35.20 -9.87
C GLY B 22 23.47 35.44 -8.65
N PRO B 23 24.26 34.43 -8.22
CA PRO B 23 25.16 34.65 -7.08
C PRO B 23 26.38 35.50 -7.44
N ASN B 24 26.70 35.55 -8.73
CA ASN B 24 27.92 36.21 -9.19
C ASN B 24 27.71 37.69 -9.52
N CYS B 25 26.57 38.23 -9.13
CA CYS B 25 26.20 39.61 -9.48
C CYS B 25 26.52 40.59 -8.34
N GLY B 26 26.82 41.82 -8.72
CA GLY B 26 27.03 42.91 -7.78
C GLY B 26 26.29 44.14 -8.27
N TRP B 27 26.02 45.08 -7.36
CA TRP B 27 25.27 46.29 -7.70
C TRP B 27 26.11 47.55 -7.45
N CYS B 28 26.21 48.40 -8.47
CA CYS B 28 26.99 49.62 -8.38
C CYS B 28 26.15 50.76 -7.81
N THR B 29 26.76 51.59 -6.96
CA THR B 29 26.07 52.65 -6.25
C THR B 29 26.68 54.02 -6.50
N ASN B 30 27.65 54.08 -7.42
CA ASN B 30 28.52 55.25 -7.53
C ASN B 30 27.87 56.48 -8.15
N SER B 31 26.93 56.24 -9.06
CA SER B 31 26.30 57.31 -9.84
C SER B 31 27.29 57.95 -10.82
N THR B 32 28.44 57.32 -10.98
CA THR B 32 29.47 57.77 -11.91
C THR B 32 29.70 56.70 -12.96
N PHE B 33 28.68 55.88 -13.17
CA PHE B 33 28.80 54.71 -14.04
C PHE B 33 28.28 54.99 -15.45
N LEU B 34 28.80 56.06 -16.05
CA LEU B 34 28.40 56.50 -17.38
C LEU B 34 26.89 56.72 -17.45
N SER B 41 19.96 49.77 -15.50
CA SER B 41 20.08 48.39 -15.07
C SER B 41 21.49 47.85 -15.30
N ALA B 42 22.32 48.62 -16.00
CA ALA B 42 23.69 48.21 -16.31
C ALA B 42 24.56 48.18 -15.06
N ARG B 43 24.06 48.77 -13.97
CA ARG B 43 24.79 48.77 -12.71
C ARG B 43 24.85 47.37 -12.12
N CYS B 44 23.99 46.48 -12.60
CA CYS B 44 23.99 45.09 -12.17
C CYS B 44 24.78 44.22 -13.14
N ASP B 45 26.05 44.00 -12.82
CA ASP B 45 26.93 43.21 -13.66
C ASP B 45 27.74 42.23 -12.80
N ASP B 46 28.61 41.44 -13.44
CA ASP B 46 29.45 40.50 -12.73
C ASP B 46 30.41 41.23 -11.80
N LEU B 47 30.85 40.55 -10.76
CA LEU B 47 31.77 41.15 -9.79
C LEU B 47 33.06 41.60 -10.47
N GLU B 48 33.43 40.92 -11.54
CA GLU B 48 34.60 41.28 -12.33
C GLU B 48 34.24 42.30 -13.40
N ALA B 49 33.07 42.12 -14.02
CA ALA B 49 32.64 42.97 -15.12
C ALA B 49 32.34 44.40 -14.66
N LEU B 50 32.26 44.62 -13.36
CA LEU B 50 32.01 45.96 -12.83
C LEU B 50 33.31 46.74 -12.63
N LYS B 51 34.32 46.07 -12.08
CA LYS B 51 35.62 46.69 -11.89
C LYS B 51 36.27 47.00 -13.23
N LYS B 52 35.97 46.17 -14.23
CA LYS B 52 36.48 46.38 -15.57
C LYS B 52 35.79 47.55 -16.26
N LYS B 53 34.66 47.98 -15.70
CA LYS B 53 33.90 49.11 -16.24
C LYS B 53 34.07 50.36 -15.39
N GLY B 54 34.90 50.27 -14.36
CA GLY B 54 35.18 51.42 -13.50
C GLY B 54 34.17 51.58 -12.39
N CYS B 55 34.11 50.60 -11.49
CA CYS B 55 33.22 50.65 -10.35
C CYS B 55 34.01 50.40 -9.05
N PRO B 56 34.16 51.44 -8.21
CA PRO B 56 34.92 51.31 -6.95
C PRO B 56 34.45 50.15 -6.06
N PRO B 57 35.38 49.33 -5.54
CA PRO B 57 35.01 48.24 -4.63
C PRO B 57 34.23 48.70 -3.40
N ASP B 58 34.42 49.95 -3.00
CA ASP B 58 33.65 50.55 -1.91
C ASP B 58 32.23 50.87 -2.36
N ASP B 59 31.95 50.63 -3.65
CA ASP B 59 30.68 51.02 -4.25
C ASP B 59 29.88 49.79 -4.68
N ILE B 60 30.59 48.69 -4.97
CA ILE B 60 29.94 47.46 -5.38
C ILE B 60 29.34 46.73 -4.19
N GLU B 61 28.03 46.90 -3.98
CA GLU B 61 27.33 46.20 -2.91
C GLU B 61 27.13 44.74 -3.29
N ASN B 62 27.63 43.84 -2.44
CA ASN B 62 27.55 42.41 -2.71
C ASN B 62 27.39 41.61 -1.42
N PRO B 63 26.14 41.53 -0.91
CA PRO B 63 25.84 40.72 0.28
C PRO B 63 26.17 39.25 0.07
N ARG B 64 26.83 38.63 1.05
CA ARG B 64 27.24 37.24 0.94
C ARG B 64 26.72 36.39 2.10
N GLY B 65 26.49 35.12 1.82
CA GLY B 65 26.02 34.19 2.83
C GLY B 65 27.10 33.91 3.86
N SER B 66 26.70 33.26 4.95
CA SER B 66 27.64 32.96 6.03
C SER B 66 27.26 31.69 6.79
N LYS B 67 28.16 31.27 7.67
CA LYS B 67 27.96 30.09 8.50
C LYS B 67 28.34 30.41 9.95
N ASP B 68 27.39 30.23 10.86
CA ASP B 68 27.61 30.50 12.28
C ASP B 68 27.21 29.33 13.15
N ILE B 69 28.19 28.69 13.78
CA ILE B 69 27.93 27.61 14.71
C ILE B 69 27.38 28.17 16.03
N LYS B 70 26.31 27.55 16.53
CA LYS B 70 25.63 28.03 17.74
C LYS B 70 25.79 27.05 18.90
N LYS B 71 25.71 25.76 18.60
CA LYS B 71 25.93 24.71 19.61
C LYS B 71 26.95 23.73 19.09
N ASN B 72 27.98 23.45 19.88
CA ASN B 72 29.11 22.65 19.40
C ASN B 72 29.80 21.87 20.53
N LYS B 73 29.05 20.97 21.17
CA LYS B 73 29.65 20.07 22.14
C LYS B 73 30.57 19.09 21.44
N ASN B 74 31.79 18.95 21.93
CA ASN B 74 32.74 17.98 21.37
C ASN B 74 32.23 16.56 21.58
N VAL B 75 32.61 15.66 20.67
CA VAL B 75 32.27 14.25 20.81
C VAL B 75 32.98 13.66 22.04
N THR B 76 32.32 12.70 22.69
CA THR B 76 32.77 12.18 23.98
C THR B 76 34.00 11.30 23.86
N ASN B 77 34.84 11.34 24.89
CA ASN B 77 35.98 10.43 25.03
C ASN B 77 36.53 10.44 26.45
N LYS B 85 31.72 6.28 33.13
CA LYS B 85 30.33 6.16 33.57
C LYS B 85 29.51 7.35 33.09
N LEU B 86 28.76 7.15 32.01
CA LEU B 86 27.97 8.22 31.39
C LEU B 86 26.58 7.76 30.98
N LYS B 87 25.58 8.55 31.31
CA LYS B 87 24.21 8.31 30.88
C LYS B 87 24.14 8.48 29.37
N PRO B 88 23.17 7.81 28.72
CA PRO B 88 23.07 7.89 27.25
C PRO B 88 22.87 9.31 26.72
N GLU B 89 22.07 10.11 27.42
CA GLU B 89 21.79 11.47 26.98
C GLU B 89 23.00 12.39 27.19
N ASP B 90 23.93 11.97 28.03
CA ASP B 90 25.14 12.73 28.29
C ASP B 90 26.25 12.38 27.30
N ILE B 91 25.96 11.45 26.40
CA ILE B 91 26.92 11.05 25.37
C ILE B 91 26.67 11.81 24.07
N THR B 92 27.72 12.42 23.55
CA THR B 92 27.65 13.16 22.29
C THR B 92 28.33 12.38 21.17
N GLN B 93 27.56 12.03 20.15
CA GLN B 93 28.07 11.27 19.02
C GLN B 93 28.09 12.11 17.74
N ILE B 94 27.42 13.26 17.76
CA ILE B 94 27.38 14.14 16.60
C ILE B 94 27.60 15.60 16.98
N GLN B 95 28.39 16.30 16.17
CA GLN B 95 28.61 17.73 16.37
C GLN B 95 28.87 18.42 15.02
N PRO B 96 28.48 19.70 14.89
CA PRO B 96 27.81 20.52 15.91
C PRO B 96 26.36 20.11 16.10
N GLN B 97 25.66 20.74 17.05
CA GLN B 97 24.27 20.39 17.33
C GLN B 97 23.32 21.47 16.83
N GLN B 98 23.84 22.66 16.58
CA GLN B 98 23.04 23.76 16.07
C GLN B 98 23.93 24.79 15.37
N LEU B 99 23.53 25.20 14.18
CA LEU B 99 24.23 26.24 13.44
C LEU B 99 23.25 27.03 12.58
N VAL B 100 23.68 28.22 12.15
CA VAL B 100 22.86 29.08 11.31
C VAL B 100 23.55 29.35 9.98
N LEU B 101 22.81 29.15 8.89
CA LEU B 101 23.30 29.41 7.55
C LEU B 101 22.48 30.50 6.87
N ARG B 102 23.10 31.63 6.62
CA ARG B 102 22.46 32.70 5.86
C ARG B 102 22.76 32.47 4.37
N LEU B 103 21.70 32.31 3.58
CA LEU B 103 21.83 31.83 2.21
C LEU B 103 21.57 32.89 1.15
N ARG B 104 22.58 33.15 0.32
CA ARG B 104 22.43 33.93 -0.89
C ARG B 104 21.90 32.99 -1.98
N SER B 105 20.92 33.47 -2.74
CA SER B 105 20.28 32.64 -3.77
C SER B 105 21.30 32.13 -4.79
N GLY B 106 21.41 30.82 -4.89
CA GLY B 106 22.29 30.16 -5.83
C GLY B 106 23.70 29.95 -5.31
N GLU B 107 23.98 30.48 -4.11
CA GLU B 107 25.28 30.29 -3.47
C GLU B 107 25.19 29.23 -2.37
N PRO B 108 25.86 28.07 -2.55
CA PRO B 108 25.81 27.05 -1.50
C PRO B 108 26.57 27.43 -0.24
N GLN B 109 26.07 26.99 0.92
CA GLN B 109 26.78 27.09 2.19
C GLN B 109 27.07 25.70 2.72
N THR B 110 28.35 25.42 2.96
CA THR B 110 28.79 24.10 3.38
C THR B 110 29.33 24.10 4.81
N PHE B 111 29.02 23.04 5.55
CA PHE B 111 29.51 22.87 6.91
C PHE B 111 29.84 21.41 7.19
N THR B 112 30.71 21.19 8.17
CA THR B 112 31.22 19.85 8.47
C THR B 112 30.47 19.21 9.63
N LEU B 113 30.08 17.95 9.44
CA LEU B 113 29.42 17.17 10.49
C LEU B 113 30.33 16.04 10.94
N LYS B 114 30.67 16.04 12.22
CA LYS B 114 31.53 15.02 12.80
C LYS B 114 30.70 13.99 13.54
N PHE B 115 30.85 12.71 13.17
CA PHE B 115 30.18 11.61 13.85
C PHE B 115 31.18 10.67 14.50
N LYS B 116 30.92 10.31 15.75
CA LYS B 116 31.78 9.39 16.49
C LYS B 116 30.96 8.31 17.18
N ARG B 117 31.29 7.05 16.91
CA ARG B 117 30.60 5.93 17.53
C ARG B 117 30.99 5.80 18.99
N ALA B 118 29.98 5.76 19.87
CA ALA B 118 30.21 5.72 21.30
C ALA B 118 30.89 4.43 21.75
N GLU B 119 31.68 4.53 22.81
CA GLU B 119 32.42 3.38 23.33
C GLU B 119 31.48 2.31 23.87
N ASP B 120 30.59 2.72 24.77
CA ASP B 120 29.63 1.81 25.38
C ASP B 120 28.24 2.43 25.36
N TYR B 121 27.30 1.75 24.71
CA TYR B 121 25.96 2.28 24.53
C TYR B 121 24.93 1.20 24.86
N PRO B 122 23.89 1.54 25.64
CA PRO B 122 22.93 0.50 26.00
C PRO B 122 22.19 -0.10 24.80
N ILE B 123 21.52 -1.23 25.02
CA ILE B 123 20.80 -1.92 23.95
C ILE B 123 19.46 -2.45 24.45
N ASP B 124 18.40 -2.09 23.73
CA ASP B 124 17.08 -2.69 23.91
C ASP B 124 16.78 -3.64 22.76
N LEU B 125 16.55 -4.90 23.07
CA LEU B 125 16.22 -5.90 22.05
C LEU B 125 14.83 -6.47 22.31
N TYR B 126 13.92 -6.26 21.36
CA TYR B 126 12.58 -6.83 21.44
C TYR B 126 12.47 -8.02 20.49
N TYR B 127 12.19 -9.19 21.05
CA TYR B 127 12.12 -10.42 20.26
C TYR B 127 10.67 -10.70 19.85
N LEU B 128 10.35 -10.40 18.59
CA LEU B 128 9.01 -10.62 18.06
C LEU B 128 8.97 -11.90 17.25
N MET B 129 8.24 -12.91 17.76
CA MET B 129 8.32 -14.25 17.21
C MET B 129 7.00 -14.74 16.62
N ASP B 130 7.10 -15.36 15.46
CA ASP B 130 5.97 -16.04 14.83
C ASP B 130 5.63 -17.32 15.62
N LEU B 131 4.39 -17.42 16.10
CA LEU B 131 3.94 -18.61 16.83
C LEU B 131 2.87 -19.37 16.06
N SER B 132 2.90 -19.25 14.73
CA SER B 132 2.05 -20.08 13.88
C SER B 132 2.53 -21.52 13.97
N TYR B 133 1.76 -22.45 13.42
CA TYR B 133 2.04 -23.87 13.64
C TYR B 133 3.39 -24.31 13.06
N SER B 134 3.81 -23.68 11.96
CA SER B 134 5.07 -24.05 11.34
C SER B 134 6.26 -23.64 12.21
N MET B 135 5.99 -22.89 13.27
CA MET B 135 7.02 -22.46 14.21
C MET B 135 6.93 -23.25 15.51
N LYS B 136 6.35 -24.44 15.44
CA LYS B 136 6.12 -25.26 16.62
C LYS B 136 7.44 -25.70 17.27
N ASP B 137 8.31 -26.31 16.48
CA ASP B 137 9.58 -26.83 17.00
C ASP B 137 10.52 -25.71 17.42
N ASP B 138 10.33 -24.52 16.87
CA ASP B 138 11.16 -23.37 17.20
C ASP B 138 10.93 -22.90 18.63
N LEU B 139 9.66 -22.76 19.01
CA LEU B 139 9.28 -22.25 20.32
C LEU B 139 9.90 -23.07 21.46
N GLU B 140 10.17 -24.35 21.19
CA GLU B 140 10.72 -25.23 22.23
C GLU B 140 12.19 -24.93 22.49
N ASN B 141 12.90 -24.48 21.46
CA ASN B 141 14.33 -24.19 21.57
C ASN B 141 14.62 -22.83 22.20
N VAL B 142 13.65 -21.94 22.14
CA VAL B 142 13.80 -20.58 22.63
C VAL B 142 13.66 -20.52 24.16
N LYS B 143 13.31 -21.67 24.75
CA LYS B 143 13.09 -21.77 26.20
C LYS B 143 14.21 -21.19 27.06
N SER B 144 15.41 -21.07 26.51
CA SER B 144 16.56 -20.55 27.26
C SER B 144 17.22 -19.38 26.55
N LEU B 145 16.51 -18.76 25.62
CA LEU B 145 17.06 -17.65 24.85
C LEU B 145 17.30 -16.42 25.72
N GLY B 146 16.46 -16.22 26.72
CA GLY B 146 16.55 -15.06 27.60
C GLY B 146 17.89 -14.96 28.30
N THR B 147 18.25 -16.00 29.05
CA THR B 147 19.49 -16.00 29.83
C THR B 147 20.72 -16.19 28.94
N ASP B 148 20.57 -16.97 27.87
CA ASP B 148 21.68 -17.25 26.99
C ASP B 148 22.09 -16.01 26.19
N LEU B 149 21.10 -15.27 25.72
CA LEU B 149 21.36 -14.05 24.96
C LEU B 149 21.96 -12.98 25.88
N MET B 150 21.43 -12.89 27.10
CA MET B 150 21.87 -11.89 28.07
C MET B 150 23.32 -12.10 28.46
N ASN B 151 23.79 -13.35 28.41
CA ASN B 151 25.18 -13.66 28.69
C ASN B 151 26.10 -13.15 27.59
N GLU B 152 25.68 -13.33 26.34
CA GLU B 152 26.47 -12.90 25.20
C GLU B 152 26.58 -11.38 25.14
N MET B 153 25.47 -10.70 25.37
CA MET B 153 25.42 -9.24 25.31
C MET B 153 26.25 -8.59 26.42
N ARG B 154 26.62 -9.38 27.42
CA ARG B 154 27.39 -8.87 28.55
C ARG B 154 28.80 -8.48 28.11
N ARG B 155 29.24 -9.02 26.98
CA ARG B 155 30.55 -8.69 26.42
C ARG B 155 30.41 -7.74 25.23
N ILE B 156 29.25 -7.08 25.13
CA ILE B 156 28.99 -6.12 24.07
C ILE B 156 28.56 -4.78 24.68
N THR B 157 27.79 -4.85 25.77
CA THR B 157 27.33 -3.65 26.44
C THR B 157 27.10 -3.93 27.94
N SER B 158 27.30 -2.90 28.75
CA SER B 158 27.12 -3.01 30.19
C SER B 158 25.68 -2.80 30.61
N ASP B 159 24.80 -2.54 29.63
CA ASP B 159 23.40 -2.25 29.90
C ASP B 159 22.51 -2.83 28.81
N PHE B 160 21.99 -4.04 29.05
CA PHE B 160 21.16 -4.74 28.09
C PHE B 160 19.79 -5.10 28.68
N ARG B 161 18.75 -4.86 27.89
CA ARG B 161 17.39 -5.24 28.24
C ARG B 161 16.81 -6.09 27.13
N ILE B 162 15.84 -6.94 27.48
CA ILE B 162 15.24 -7.86 26.51
C ILE B 162 13.73 -7.97 26.70
N GLY B 163 13.01 -8.13 25.59
CA GLY B 163 11.56 -8.23 25.60
C GLY B 163 11.09 -9.32 24.66
N PHE B 164 9.80 -9.66 24.74
CA PHE B 164 9.25 -10.72 23.91
C PHE B 164 7.80 -10.45 23.52
N GLY B 165 7.52 -10.57 22.23
CA GLY B 165 6.17 -10.47 21.70
C GLY B 165 5.90 -11.60 20.73
N SER B 166 4.64 -11.96 20.58
CA SER B 166 4.24 -13.03 19.67
C SER B 166 3.16 -12.54 18.71
N PHE B 167 3.07 -13.20 17.55
CA PHE B 167 2.05 -12.87 16.57
C PHE B 167 1.66 -14.10 15.75
N VAL B 168 0.50 -14.04 15.12
CA VAL B 168 0.08 -15.07 14.18
C VAL B 168 -0.55 -14.45 12.94
N GLU B 169 -1.81 -14.05 13.06
CA GLU B 169 -2.59 -13.63 11.90
C GLU B 169 -3.80 -12.79 12.32
N LYS B 170 -4.38 -12.08 11.36
CA LYS B 170 -5.67 -11.43 11.59
C LYS B 170 -6.71 -12.49 11.95
N THR B 171 -7.58 -12.16 12.90
CA THR B 171 -8.49 -13.14 13.46
C THR B 171 -9.84 -13.13 12.74
N VAL B 172 -9.80 -13.17 11.41
CA VAL B 172 -11.01 -13.13 10.61
C VAL B 172 -10.91 -14.00 9.35
N MET B 173 -12.06 -14.39 8.81
CA MET B 173 -12.12 -15.10 7.54
C MET B 173 -11.56 -14.18 6.45
N PRO B 174 -10.80 -14.74 5.48
CA PRO B 174 -10.44 -16.14 5.23
C PRO B 174 -9.07 -16.54 5.78
N TYR B 175 -8.44 -15.70 6.60
CA TYR B 175 -7.10 -15.97 7.08
C TYR B 175 -7.09 -17.08 8.15
N ILE B 176 -8.21 -17.21 8.86
CA ILE B 176 -8.38 -18.32 9.80
C ILE B 176 -9.67 -19.06 9.51
N SER B 177 -9.73 -20.33 9.93
CA SER B 177 -10.97 -21.09 9.88
C SER B 177 -11.84 -20.61 11.03
N THR B 178 -13.14 -20.44 10.77
CA THR B 178 -14.04 -19.80 11.73
C THR B 178 -15.15 -20.73 12.20
N THR B 179 -14.97 -22.03 12.04
CA THR B 179 -15.89 -22.99 12.66
C THR B 179 -15.62 -22.94 14.17
N PRO B 180 -16.66 -23.15 14.99
CA PRO B 180 -16.48 -23.08 16.45
C PRO B 180 -15.33 -23.94 16.97
N ALA B 181 -15.16 -25.13 16.39
CA ALA B 181 -14.09 -26.02 16.78
C ALA B 181 -12.72 -25.47 16.41
N LYS B 182 -12.60 -24.95 15.19
CA LYS B 182 -11.32 -24.44 14.70
C LYS B 182 -10.94 -23.12 15.36
N LEU B 183 -11.92 -22.42 15.91
CA LEU B 183 -11.66 -21.19 16.64
C LEU B 183 -11.03 -21.51 18.00
N ARG B 184 -11.45 -22.63 18.59
CA ARG B 184 -10.89 -23.08 19.86
C ARG B 184 -9.53 -23.75 19.64
N ASN B 185 -9.45 -24.54 18.59
CA ASN B 185 -8.23 -25.26 18.24
C ASN B 185 -8.05 -25.29 16.72
N PRO B 186 -7.23 -24.37 16.18
CA PRO B 186 -7.10 -24.26 14.72
C PRO B 186 -6.40 -25.46 14.09
N CYS B 187 -5.83 -26.34 14.91
CA CYS B 187 -5.12 -27.52 14.43
C CYS B 187 -6.01 -28.76 14.53
N THR B 188 -5.39 -29.93 14.40
CA THR B 188 -6.13 -31.19 14.47
C THR B 188 -6.54 -31.50 15.91
N SER B 189 -7.13 -32.67 16.11
CA SER B 189 -7.66 -33.06 17.41
C SER B 189 -6.54 -33.30 18.43
N GLU B 190 -5.57 -34.13 18.06
CA GLU B 190 -4.45 -34.45 18.95
C GLU B 190 -3.64 -33.21 19.28
N GLN B 191 -3.37 -32.40 18.27
CA GLN B 191 -2.61 -31.17 18.44
C GLN B 191 -3.41 -30.15 19.25
N ASN B 192 -2.86 -29.77 20.39
CA ASN B 192 -3.55 -28.92 21.36
C ASN B 192 -3.18 -27.45 21.17
N CYS B 193 -3.34 -26.95 19.95
CA CYS B 193 -3.02 -25.57 19.63
C CYS B 193 -4.00 -24.60 20.29
N THR B 194 -3.50 -23.44 20.71
CA THR B 194 -4.36 -22.41 21.30
C THR B 194 -5.03 -21.59 20.20
N THR B 195 -5.97 -20.74 20.60
CA THR B 195 -6.75 -19.98 19.65
C THR B 195 -5.88 -18.94 18.93
N PRO B 196 -6.16 -18.68 17.65
CA PRO B 196 -5.36 -17.69 16.90
C PRO B 196 -5.49 -16.28 17.47
N PHE B 197 -4.43 -15.49 17.33
CA PHE B 197 -4.39 -14.14 17.87
C PHE B 197 -3.49 -13.25 17.00
N SER B 198 -3.76 -11.97 16.98
CA SER B 198 -3.00 -11.04 16.13
C SER B 198 -1.61 -10.80 16.70
N TYR B 199 -1.56 -10.08 17.83
CA TYR B 199 -0.29 -9.73 18.46
C TYR B 199 -0.42 -9.70 19.98
N LYS B 200 0.57 -10.28 20.65
CA LYS B 200 0.61 -10.33 22.11
C LYS B 200 1.94 -9.82 22.65
N ASN B 201 1.88 -8.81 23.50
CA ASN B 201 3.07 -8.30 24.17
C ASN B 201 3.29 -9.11 25.45
N VAL B 202 4.01 -10.21 25.31
CA VAL B 202 4.25 -11.12 26.44
C VAL B 202 5.04 -10.46 27.56
N LEU B 203 6.13 -9.81 27.18
CA LEU B 203 7.06 -9.25 28.14
C LEU B 203 7.69 -7.95 27.65
N SER B 204 7.44 -6.87 28.37
CA SER B 204 8.07 -5.58 28.07
C SER B 204 9.55 -5.66 28.39
N LEU B 205 10.32 -4.73 27.84
CA LEU B 205 11.78 -4.75 27.99
C LEU B 205 12.20 -4.75 29.46
N THR B 206 13.05 -5.71 29.80
CA THR B 206 13.54 -5.87 31.17
C THR B 206 14.97 -6.41 31.19
N ASN B 207 15.70 -6.11 32.25
CA ASN B 207 17.07 -6.60 32.41
C ASN B 207 17.11 -7.99 33.08
N LYS B 208 15.93 -8.51 33.40
CA LYS B 208 15.84 -9.84 34.00
C LYS B 208 15.60 -10.89 32.93
N GLY B 209 16.67 -11.57 32.54
CA GLY B 209 16.59 -12.60 31.51
C GLY B 209 15.86 -13.84 31.98
N GLU B 210 15.83 -14.05 33.30
CA GLU B 210 15.15 -15.22 33.87
C GLU B 210 13.65 -15.12 33.64
N VAL B 211 13.11 -13.91 33.74
CA VAL B 211 11.70 -13.67 33.51
C VAL B 211 11.33 -13.96 32.07
N PHE B 212 12.26 -13.65 31.16
CA PHE B 212 12.09 -13.93 29.74
C PHE B 212 11.91 -15.44 29.55
N ASN B 213 12.81 -16.22 30.15
CA ASN B 213 12.72 -17.67 30.12
C ASN B 213 11.42 -18.18 30.72
N GLU B 214 11.03 -17.58 31.84
CA GLU B 214 9.83 -17.97 32.55
C GLU B 214 8.58 -17.80 31.68
N LEU B 215 8.42 -16.63 31.10
CA LEU B 215 7.20 -16.29 30.36
C LEU B 215 7.17 -16.91 28.96
N VAL B 216 8.33 -17.00 28.32
CA VAL B 216 8.40 -17.63 27.01
C VAL B 216 8.10 -19.12 27.13
N GLY B 217 8.52 -19.71 28.25
CA GLY B 217 8.29 -21.12 28.48
C GLY B 217 6.83 -21.46 28.69
N LYS B 218 6.01 -20.44 28.92
CA LYS B 218 4.58 -20.63 29.18
C LYS B 218 3.75 -20.51 27.90
N GLN B 219 4.29 -19.84 26.89
CA GLN B 219 3.52 -19.55 25.69
C GLN B 219 3.17 -20.82 24.92
N ARG B 220 2.00 -20.80 24.29
CA ARG B 220 1.49 -21.95 23.54
C ARG B 220 1.49 -21.64 22.05
N ILE B 221 1.88 -22.62 21.24
CA ILE B 221 1.87 -22.47 19.80
C ILE B 221 0.45 -22.37 19.31
N SER B 222 0.25 -21.64 18.22
CA SER B 222 -1.08 -21.44 17.65
C SER B 222 -1.13 -21.97 16.21
N GLY B 223 -2.00 -21.39 15.40
CA GLY B 223 -2.11 -21.78 14.00
C GLY B 223 -3.14 -20.96 13.25
N ASN B 224 -3.08 -21.03 11.92
CA ASN B 224 -4.05 -20.37 11.06
C ASN B 224 -4.10 -21.10 9.73
N LEU B 225 -4.61 -20.45 8.69
CA LEU B 225 -4.92 -21.14 7.44
C LEU B 225 -3.92 -20.84 6.31
N ASP B 226 -3.80 -19.57 5.92
CA ASP B 226 -2.91 -19.20 4.81
C ASP B 226 -1.47 -19.09 5.28
N SER B 227 -0.53 -19.40 4.39
CA SER B 227 0.89 -19.53 4.74
C SER B 227 1.54 -18.21 5.17
N PRO B 228 1.27 -17.11 4.44
CA PRO B 228 1.83 -15.83 4.89
C PRO B 228 1.19 -15.38 6.20
N GLU B 229 2.01 -14.88 7.13
CA GLU B 229 1.52 -14.52 8.46
C GLU B 229 1.35 -13.01 8.58
N GLY B 230 0.80 -12.56 9.70
CA GLY B 230 0.44 -11.17 9.89
C GLY B 230 1.40 -10.40 10.79
N GLY B 231 2.69 -10.68 10.66
CA GLY B 231 3.69 -10.06 11.50
C GLY B 231 3.78 -8.54 11.39
N PHE B 232 3.40 -8.00 10.24
CA PHE B 232 3.50 -6.56 10.00
C PHE B 232 2.60 -5.76 10.95
N ASP B 233 1.41 -6.29 11.25
CA ASP B 233 0.55 -5.66 12.25
C ASP B 233 1.28 -5.52 13.58
N ALA B 234 2.03 -6.56 13.94
CA ALA B 234 2.75 -6.59 15.20
C ALA B 234 3.92 -5.63 15.19
N ILE B 235 4.71 -5.65 14.11
CA ILE B 235 5.86 -4.77 13.97
C ILE B 235 5.43 -3.32 14.17
N MET B 236 4.30 -2.97 13.58
CA MET B 236 3.78 -1.61 13.69
C MET B 236 3.53 -1.25 15.14
N GLN B 237 2.78 -2.09 15.84
CA GLN B 237 2.47 -1.86 17.25
C GLN B 237 3.73 -1.72 18.10
N VAL B 238 4.68 -2.63 17.92
CA VAL B 238 5.93 -2.58 18.67
C VAL B 238 6.65 -1.26 18.43
N ALA B 239 6.55 -0.76 17.20
CA ALA B 239 7.26 0.45 16.80
C ALA B 239 6.69 1.72 17.45
N VAL B 240 5.37 1.78 17.58
CA VAL B 240 4.70 3.03 17.96
C VAL B 240 4.12 3.03 19.39
N CYS B 241 4.16 1.89 20.07
CA CYS B 241 3.55 1.80 21.40
C CYS B 241 4.44 2.34 22.51
N GLY B 242 5.67 2.70 22.16
CA GLY B 242 6.54 3.43 23.08
C GLY B 242 6.71 2.84 24.46
N SER B 243 6.08 3.49 25.45
CA SER B 243 6.30 3.16 26.85
C SER B 243 5.70 1.81 27.24
N LEU B 244 4.70 1.36 26.50
CA LEU B 244 4.09 0.06 26.76
C LEU B 244 5.08 -1.07 26.50
N ILE B 245 5.99 -0.84 25.54
CA ILE B 245 7.06 -1.78 25.27
C ILE B 245 8.24 -1.48 26.18
N GLY B 246 8.46 -0.20 26.46
CA GLY B 246 9.50 0.23 27.36
C GLY B 246 10.80 0.61 26.66
N TRP B 247 10.70 1.06 25.41
CA TRP B 247 11.88 1.50 24.67
C TRP B 247 12.56 2.65 25.40
N ARG B 248 13.89 2.60 25.46
CA ARG B 248 14.68 3.72 25.93
C ARG B 248 15.31 4.41 24.73
N ASN B 249 15.82 5.62 24.95
CA ASN B 249 16.54 6.33 23.90
C ASN B 249 17.96 5.79 23.78
N VAL B 250 18.04 4.53 23.35
CA VAL B 250 19.30 3.84 23.17
C VAL B 250 19.22 3.05 21.87
N THR B 251 20.09 2.07 21.69
CA THR B 251 20.01 1.21 20.51
C THR B 251 18.79 0.31 20.62
N ARG B 252 17.85 0.49 19.69
CA ARG B 252 16.60 -0.27 19.69
C ARG B 252 16.62 -1.34 18.60
N LEU B 253 16.71 -2.59 19.03
CA LEU B 253 16.72 -3.72 18.11
C LEU B 253 15.40 -4.46 18.12
N LEU B 254 14.87 -4.73 16.93
CA LEU B 254 13.66 -5.53 16.77
C LEU B 254 13.98 -6.78 15.96
N VAL B 255 14.07 -7.91 16.66
CA VAL B 255 14.30 -9.19 15.99
C VAL B 255 12.95 -9.75 15.54
N PHE B 256 12.83 -9.96 14.23
CA PHE B 256 11.61 -10.49 13.64
C PHE B 256 11.86 -11.90 13.14
N SER B 257 11.35 -12.89 13.88
CA SER B 257 11.62 -14.29 13.62
C SER B 257 10.39 -14.99 13.05
N THR B 258 10.57 -15.61 11.88
CA THR B 258 9.47 -16.28 11.20
C THR B 258 9.99 -17.29 10.16
N ASP B 259 9.08 -18.10 9.63
CA ASP B 259 9.41 -19.08 8.61
C ASP B 259 8.43 -19.00 7.44
N ALA B 260 7.87 -17.82 7.23
CA ALA B 260 6.87 -17.61 6.18
C ALA B 260 6.99 -16.22 5.58
N GLY B 261 6.26 -15.99 4.50
CA GLY B 261 6.16 -14.66 3.91
C GLY B 261 5.33 -13.76 4.79
N PHE B 262 4.96 -12.59 4.28
CA PHE B 262 4.22 -11.62 5.07
C PHE B 262 3.05 -11.01 4.31
N HIS B 263 1.95 -10.81 5.01
CA HIS B 263 0.84 -10.02 4.50
C HIS B 263 1.23 -8.55 4.54
N PHE B 264 0.65 -7.76 3.63
CA PHE B 264 0.79 -6.32 3.67
C PHE B 264 -0.48 -5.68 3.15
N ALA B 265 -0.54 -4.35 3.16
CA ALA B 265 -1.73 -3.61 2.77
C ALA B 265 -2.32 -4.13 1.47
N GLY B 266 -3.64 -4.24 1.43
CA GLY B 266 -4.35 -4.76 0.27
C GLY B 266 -4.84 -6.17 0.51
N ASP B 267 -4.06 -6.96 1.24
CA ASP B 267 -4.48 -8.32 1.58
C ASP B 267 -5.72 -8.30 2.46
N GLY B 268 -5.88 -7.22 3.22
CA GLY B 268 -7.02 -7.05 4.10
C GLY B 268 -8.36 -7.05 3.39
N LYS B 269 -8.34 -6.75 2.10
CA LYS B 269 -9.57 -6.57 1.34
C LYS B 269 -10.34 -7.88 1.16
N LEU B 270 -9.63 -8.99 1.17
CA LEU B 270 -10.26 -10.30 1.07
C LEU B 270 -11.23 -10.54 2.23
N GLY B 271 -10.88 -10.00 3.40
CA GLY B 271 -11.73 -10.11 4.58
C GLY B 271 -12.65 -8.92 4.76
N GLY B 272 -12.66 -8.02 3.78
CA GLY B 272 -13.50 -6.83 3.84
C GLY B 272 -12.89 -5.71 4.68
N ILE B 273 -11.59 -5.83 4.96
CA ILE B 273 -10.88 -4.82 5.72
C ILE B 273 -10.21 -3.85 4.76
N VAL B 274 -10.70 -2.60 4.76
CA VAL B 274 -10.31 -1.61 3.75
C VAL B 274 -9.64 -0.38 4.36
N LEU B 275 -9.87 -0.13 5.64
CA LEU B 275 -9.23 1.00 6.30
C LEU B 275 -7.71 0.80 6.38
N PRO B 276 -6.93 1.77 5.87
CA PRO B 276 -5.47 1.64 6.01
C PRO B 276 -5.04 1.69 7.46
N ASN B 277 -3.94 1.00 7.77
CA ASN B 277 -3.37 1.05 9.10
C ASN B 277 -3.13 2.49 9.53
N ASP B 278 -3.52 2.81 10.76
CA ASP B 278 -3.45 4.20 11.23
C ASP B 278 -2.11 4.51 11.90
N GLY B 279 -1.30 3.47 12.10
CA GLY B 279 0.01 3.65 12.71
C GLY B 279 -0.07 4.14 14.14
N GLN B 280 -1.18 3.82 14.81
CA GLN B 280 -1.39 4.20 16.20
C GLN B 280 -1.35 2.97 17.09
N CYS B 281 -1.12 3.17 18.39
CA CYS B 281 -1.08 2.06 19.34
C CYS B 281 -2.50 1.64 19.72
N HIS B 282 -2.76 0.34 19.66
CA HIS B 282 -4.06 -0.21 20.02
C HIS B 282 -3.92 -1.47 20.86
N LEU B 283 -3.07 -1.41 21.88
CA LEU B 283 -2.92 -2.51 22.82
C LEU B 283 -3.89 -2.37 23.98
N GLU B 284 -4.69 -3.40 24.20
CA GLU B 284 -5.50 -3.52 25.40
C GLU B 284 -5.18 -4.83 26.09
N ASN B 285 -4.68 -4.75 27.32
CA ASN B 285 -4.25 -5.95 28.04
C ASN B 285 -3.14 -6.66 27.27
N ASN B 286 -2.23 -5.86 26.71
CA ASN B 286 -1.09 -6.36 25.95
C ASN B 286 -1.49 -7.21 24.74
N MET B 287 -2.70 -6.97 24.26
CA MET B 287 -3.20 -7.61 23.05
C MET B 287 -3.62 -6.56 22.04
N TYR B 288 -3.24 -6.76 20.78
CA TYR B 288 -3.70 -5.90 19.69
C TYR B 288 -5.15 -6.24 19.38
N THR B 289 -6.03 -5.23 19.48
CA THR B 289 -7.47 -5.46 19.43
C THR B 289 -8.16 -5.02 18.14
N MET B 290 -7.40 -4.47 17.20
CA MET B 290 -7.96 -3.85 16.00
C MET B 290 -7.52 -4.53 14.71
N SER B 291 -7.15 -5.80 14.78
CA SER B 291 -6.71 -6.53 13.59
C SER B 291 -7.87 -6.73 12.62
N HIS B 292 -9.08 -6.72 13.16
CA HIS B 292 -10.29 -6.92 12.36
C HIS B 292 -10.77 -5.63 11.70
N TYR B 293 -10.13 -4.52 12.04
CA TYR B 293 -10.62 -3.19 11.66
C TYR B 293 -9.66 -2.47 10.70
N TYR B 294 -8.38 -2.52 11.02
CA TYR B 294 -7.36 -1.89 10.19
C TYR B 294 -6.62 -2.91 9.34
N ASP B 295 -6.39 -2.56 8.08
CA ASP B 295 -5.65 -3.41 7.15
C ASP B 295 -4.19 -3.53 7.61
N TYR B 296 -3.47 -4.51 7.06
CA TYR B 296 -2.04 -4.61 7.33
C TYR B 296 -1.35 -3.33 6.86
N PRO B 297 -0.23 -2.96 7.52
CA PRO B 297 0.53 -1.81 7.02
C PRO B 297 1.16 -2.09 5.66
N SER B 298 1.47 -1.03 4.92
CA SER B 298 2.30 -1.15 3.72
C SER B 298 3.76 -1.06 4.14
N ILE B 299 4.66 -1.56 3.31
CA ILE B 299 6.09 -1.48 3.61
C ILE B 299 6.49 -0.03 3.83
N ALA B 300 5.97 0.86 3.01
CA ALA B 300 6.28 2.29 3.13
C ALA B 300 5.84 2.83 4.48
N HIS B 301 4.73 2.32 5.00
CA HIS B 301 4.23 2.79 6.29
C HIS B 301 5.15 2.31 7.41
N LEU B 302 5.69 1.11 7.26
CA LEU B 302 6.67 0.59 8.22
C LEU B 302 7.98 1.38 8.13
N VAL B 303 8.39 1.73 6.92
CA VAL B 303 9.59 2.53 6.72
C VAL B 303 9.47 3.84 7.49
N GLN B 304 8.29 4.45 7.43
CA GLN B 304 8.05 5.72 8.10
C GLN B 304 8.14 5.58 9.61
N LYS B 305 7.48 4.56 10.15
CA LYS B 305 7.34 4.41 11.60
C LYS B 305 8.55 3.77 12.25
N LEU B 306 9.21 2.85 11.54
CA LEU B 306 10.45 2.27 12.04
C LEU B 306 11.53 3.34 12.15
N SER B 307 11.61 4.20 11.15
CA SER B 307 12.60 5.27 11.13
C SER B 307 12.30 6.32 12.19
N GLU B 308 11.04 6.71 12.27
CA GLU B 308 10.61 7.73 13.22
C GLU B 308 10.93 7.34 14.65
N ASN B 309 10.64 6.09 15.00
CA ASN B 309 10.87 5.60 16.35
C ASN B 309 12.25 4.94 16.51
N ASN B 310 13.10 5.09 15.50
CA ASN B 310 14.49 4.64 15.59
C ASN B 310 14.64 3.15 15.87
N ILE B 311 13.80 2.35 15.22
CA ILE B 311 13.86 0.90 15.36
C ILE B 311 14.76 0.30 14.28
N GLN B 312 15.69 -0.54 14.72
CA GLN B 312 16.57 -1.26 13.80
C GLN B 312 16.14 -2.73 13.77
N THR B 313 15.75 -3.20 12.60
CA THR B 313 15.10 -4.50 12.48
C THR B 313 16.07 -5.61 12.04
N ILE B 314 16.06 -6.70 12.81
CA ILE B 314 16.82 -7.89 12.45
C ILE B 314 15.84 -8.97 12.00
N PHE B 315 15.89 -9.33 10.71
CA PHE B 315 15.02 -10.36 10.18
C PHE B 315 15.67 -11.73 10.27
N ALA B 316 15.23 -12.52 11.25
CA ALA B 316 15.72 -13.87 11.45
C ALA B 316 14.78 -14.88 10.80
N VAL B 317 14.96 -15.10 9.50
CA VAL B 317 14.03 -15.92 8.73
C VAL B 317 14.73 -17.14 8.13
N THR B 318 13.95 -18.16 7.83
CA THR B 318 14.48 -19.41 7.32
C THR B 318 15.14 -19.24 5.95
N GLU B 319 15.81 -20.30 5.50
CA GLU B 319 16.56 -20.28 4.25
C GLU B 319 15.69 -19.97 3.04
N GLU B 320 14.51 -20.59 2.98
CA GLU B 320 13.69 -20.55 1.78
C GLU B 320 13.06 -19.18 1.51
N PHE B 321 12.95 -18.35 2.55
CA PHE B 321 12.36 -17.02 2.41
C PHE B 321 13.42 -15.93 2.46
N GLN B 322 14.68 -16.30 2.31
CA GLN B 322 15.76 -15.32 2.24
C GLN B 322 15.57 -14.34 1.08
N PRO B 323 15.23 -14.85 -0.12
CA PRO B 323 15.03 -13.94 -1.25
C PRO B 323 14.03 -12.81 -0.99
N VAL B 324 12.91 -13.15 -0.36
CA VAL B 324 11.86 -12.18 -0.08
C VAL B 324 12.31 -11.14 0.93
N TYR B 325 12.92 -11.59 2.03
CA TYR B 325 13.32 -10.69 3.10
C TYR B 325 14.61 -9.95 2.76
N LYS B 326 15.35 -10.45 1.78
CA LYS B 326 16.51 -9.72 1.27
C LYS B 326 16.06 -8.46 0.55
N GLU B 327 14.97 -8.57 -0.19
CA GLU B 327 14.40 -7.42 -0.90
C GLU B 327 13.77 -6.44 0.09
N LEU B 328 13.12 -6.98 1.12
CA LEU B 328 12.49 -6.15 2.13
C LEU B 328 13.53 -5.32 2.86
N LYS B 329 14.69 -5.91 3.12
CA LYS B 329 15.76 -5.21 3.82
C LYS B 329 16.28 -4.03 3.03
N ASN B 330 16.31 -4.16 1.71
CA ASN B 330 16.75 -3.08 0.84
C ASN B 330 15.79 -1.88 0.90
N LEU B 331 14.54 -2.16 1.23
CA LEU B 331 13.53 -1.11 1.31
C LEU B 331 13.44 -0.49 2.69
N ILE B 332 13.75 -1.29 3.72
CA ILE B 332 13.70 -0.84 5.11
C ILE B 332 15.07 -0.28 5.52
N PRO B 333 15.14 1.03 5.86
CA PRO B 333 16.41 1.55 6.37
C PRO B 333 16.79 0.95 7.74
N LYS B 334 18.08 0.80 7.98
CA LYS B 334 18.58 0.26 9.24
C LYS B 334 17.97 -1.11 9.56
N SER B 335 18.13 -2.03 8.62
CA SER B 335 17.62 -3.39 8.81
C SER B 335 18.64 -4.41 8.29
N ALA B 336 18.55 -5.63 8.82
CA ALA B 336 19.48 -6.70 8.46
C ALA B 336 18.73 -8.02 8.29
N VAL B 337 19.31 -8.92 7.50
CA VAL B 337 18.73 -10.24 7.26
C VAL B 337 19.71 -11.33 7.66
N GLY B 338 19.18 -12.37 8.31
CA GLY B 338 19.97 -13.51 8.74
C GLY B 338 19.24 -14.80 8.46
N THR B 339 20.00 -15.85 8.15
CA THR B 339 19.42 -17.16 7.89
C THR B 339 19.20 -17.92 9.19
N LEU B 340 17.93 -18.08 9.55
CA LEU B 340 17.55 -18.81 10.75
C LEU B 340 17.70 -20.30 10.52
N SER B 341 18.31 -21.00 11.48
CA SER B 341 18.52 -22.43 11.36
C SER B 341 17.19 -23.19 11.43
N ALA B 342 17.28 -24.52 11.50
CA ALA B 342 16.09 -25.39 11.51
C ALA B 342 15.04 -24.93 12.51
N ASN B 343 15.42 -24.93 13.79
CA ASN B 343 14.56 -24.40 14.84
C ASN B 343 15.33 -23.45 15.74
N SER B 344 15.71 -22.32 15.16
CA SER B 344 16.26 -21.18 15.89
C SER B 344 17.45 -21.54 16.77
N SER B 345 18.23 -22.53 16.36
CA SER B 345 19.39 -22.97 17.13
C SER B 345 20.54 -21.97 17.01
N ASN B 346 20.54 -21.19 15.93
CA ASN B 346 21.65 -20.27 15.64
C ASN B 346 21.25 -18.81 15.81
N VAL B 347 20.12 -18.57 16.46
CA VAL B 347 19.53 -17.23 16.47
C VAL B 347 20.38 -16.22 17.24
N ILE B 348 21.11 -16.68 18.24
CA ILE B 348 21.92 -15.76 19.04
C ILE B 348 23.04 -15.18 18.19
N GLN B 349 23.84 -16.05 17.58
CA GLN B 349 24.93 -15.59 16.72
C GLN B 349 24.39 -14.75 15.57
N LEU B 350 23.18 -15.06 15.13
CA LEU B 350 22.51 -14.28 14.09
C LEU B 350 22.32 -12.85 14.57
N ILE B 351 21.86 -12.70 15.81
CA ILE B 351 21.61 -11.38 16.39
C ILE B 351 22.90 -10.60 16.56
N ILE B 352 23.96 -11.27 16.98
CA ILE B 352 25.25 -10.61 17.18
C ILE B 352 25.81 -10.10 15.86
N ASP B 353 25.78 -10.94 14.84
CA ASP B 353 26.28 -10.57 13.52
C ASP B 353 25.50 -9.40 12.94
N ALA B 354 24.19 -9.40 13.17
CA ALA B 354 23.34 -8.33 12.67
C ALA B 354 23.63 -7.01 13.38
N TYR B 355 23.79 -7.09 14.70
CA TYR B 355 24.08 -5.89 15.49
C TYR B 355 25.42 -5.28 15.09
N ASN B 356 26.43 -6.12 14.93
CA ASN B 356 27.75 -5.66 14.50
C ASN B 356 27.67 -4.98 13.14
N SER B 357 26.80 -5.49 12.28
CA SER B 357 26.62 -4.94 10.95
C SER B 357 25.88 -3.61 10.99
N LEU B 358 24.82 -3.56 11.81
CA LEU B 358 23.99 -2.36 11.91
C LEU B 358 24.71 -1.22 12.63
N SER B 359 25.48 -1.55 13.66
CA SER B 359 26.14 -0.54 14.48
C SER B 359 27.39 0.03 13.80
N SER B 360 27.92 -0.69 12.82
CA SER B 360 29.14 -0.27 12.13
C SER B 360 28.85 0.61 10.91
N GLU B 361 27.58 0.97 10.74
CA GLU B 361 27.17 1.83 9.63
C GLU B 361 26.25 2.95 10.11
N VAL B 362 26.57 4.17 9.70
CA VAL B 362 25.74 5.33 10.01
C VAL B 362 25.03 5.80 8.75
N ILE B 363 23.79 6.25 8.91
CA ILE B 363 22.99 6.76 7.79
C ILE B 363 22.28 8.05 8.21
N LEU B 364 22.58 9.13 7.50
CA LEU B 364 21.99 10.43 7.82
C LEU B 364 20.70 10.68 7.04
N GLU B 365 19.72 11.27 7.71
CA GLU B 365 18.48 11.72 7.08
C GLU B 365 18.18 13.15 7.48
N ASN B 366 17.59 13.90 6.56
CA ASN B 366 17.17 15.27 6.85
C ASN B 366 15.66 15.41 6.72
N GLY B 367 15.09 16.37 7.44
CA GLY B 367 13.68 16.65 7.34
C GLY B 367 13.34 17.28 6.02
N LYS B 368 12.07 17.64 5.82
CA LYS B 368 11.65 18.26 4.58
C LYS B 368 12.23 19.67 4.45
N LEU B 369 12.72 19.98 3.24
CA LEU B 369 13.21 21.31 2.93
C LEU B 369 12.14 22.09 2.18
N SER B 370 12.16 23.41 2.32
CA SER B 370 11.26 24.26 1.55
C SER B 370 11.60 24.14 0.07
N GLU B 371 10.64 24.46 -0.79
CA GLU B 371 10.89 24.41 -2.22
C GLU B 371 11.93 25.45 -2.59
N GLY B 372 12.75 25.13 -3.59
CA GLY B 372 13.85 25.99 -4.00
C GLY B 372 15.11 25.65 -3.25
N VAL B 373 14.96 25.02 -2.09
CA VAL B 373 16.10 24.61 -1.28
C VAL B 373 16.51 23.19 -1.62
N THR B 374 17.80 22.96 -1.76
CA THR B 374 18.35 21.64 -2.06
C THR B 374 19.49 21.32 -1.11
N ILE B 375 19.72 20.03 -0.88
CA ILE B 375 20.79 19.59 0.00
C ILE B 375 21.61 18.49 -0.67
N SER B 376 22.90 18.45 -0.36
CA SER B 376 23.79 17.42 -0.89
C SER B 376 24.78 16.96 0.18
N TYR B 377 25.10 15.67 0.16
CA TYR B 377 25.99 15.07 1.15
C TYR B 377 27.30 14.61 0.53
N LYS B 378 28.38 14.70 1.30
CA LYS B 378 29.67 14.14 0.93
C LYS B 378 30.31 13.48 2.17
N SER B 379 30.38 12.16 2.15
CA SER B 379 30.90 11.40 3.30
C SER B 379 32.39 11.13 3.19
N TYR B 380 33.06 11.13 4.34
CA TYR B 380 34.49 10.86 4.43
C TYR B 380 34.75 9.80 5.50
N CYS B 381 34.97 8.57 5.07
CA CYS B 381 35.02 7.43 5.97
C CYS B 381 36.45 6.91 6.16
N LYS B 382 36.56 5.76 6.81
CA LYS B 382 37.85 5.15 7.11
C LYS B 382 38.53 4.65 5.84
N ASN B 383 39.85 4.58 5.87
CA ASN B 383 40.65 4.13 4.73
C ASN B 383 40.42 4.98 3.49
N GLY B 384 40.08 6.25 3.70
CA GLY B 384 39.94 7.19 2.60
C GLY B 384 38.79 6.89 1.67
N VAL B 385 37.79 6.15 2.16
CA VAL B 385 36.60 5.86 1.37
C VAL B 385 35.66 7.06 1.40
N ASN B 386 35.59 7.78 0.29
CA ASN B 386 34.77 8.98 0.19
C ASN B 386 33.53 8.74 -0.68
N GLY B 387 32.37 9.07 -0.14
CA GLY B 387 31.10 8.85 -0.83
C GLY B 387 30.45 10.14 -1.28
N THR B 388 29.81 10.10 -2.46
CA THR B 388 29.06 11.23 -2.98
C THR B 388 27.69 10.76 -3.45
N GLY B 389 26.80 11.70 -3.74
CA GLY B 389 25.45 11.36 -4.13
C GLY B 389 24.66 10.80 -2.97
N GLU B 390 23.94 9.70 -3.21
CA GLU B 390 23.18 9.05 -2.16
C GLU B 390 24.12 8.33 -1.19
N ASN B 391 25.31 7.96 -1.68
CA ASN B 391 26.31 7.31 -0.84
C ASN B 391 26.97 8.28 0.13
N GLY B 392 26.78 9.58 -0.11
CA GLY B 392 27.32 10.59 0.76
C GLY B 392 26.58 10.67 2.08
N ARG B 393 25.45 9.95 2.17
CA ARG B 393 24.64 9.94 3.38
C ARG B 393 25.11 8.90 4.40
N LYS B 394 26.06 8.05 4.01
CA LYS B 394 26.43 6.91 4.85
C LYS B 394 27.93 6.60 4.86
N CYS B 395 28.39 6.07 5.99
CA CYS B 395 29.73 5.52 6.13
C CYS B 395 29.62 4.12 6.73
N SER B 396 30.51 3.23 6.30
CA SER B 396 30.49 1.83 6.75
C SER B 396 31.79 1.44 7.42
N ASN B 397 31.78 0.26 8.04
CA ASN B 397 32.96 -0.27 8.73
C ASN B 397 33.44 0.67 9.82
N ILE B 398 32.48 1.30 10.51
CA ILE B 398 32.80 2.20 11.62
C ILE B 398 32.95 1.40 12.90
N SER B 399 34.20 1.22 13.34
CA SER B 399 34.46 0.51 14.58
C SER B 399 34.15 1.42 15.77
N ILE B 400 34.17 0.84 16.96
CA ILE B 400 33.94 1.60 18.18
C ILE B 400 35.04 2.65 18.35
N GLY B 401 34.61 3.90 18.59
CA GLY B 401 35.55 4.99 18.80
C GLY B 401 35.98 5.68 17.51
N ASP B 402 35.62 5.10 16.38
CA ASP B 402 35.98 5.66 15.08
C ASP B 402 35.21 6.96 14.82
N GLU B 403 35.89 7.90 14.16
CA GLU B 403 35.28 9.16 13.75
C GLU B 403 35.22 9.25 12.23
N VAL B 404 34.06 9.63 11.72
CA VAL B 404 33.88 9.93 10.31
C VAL B 404 33.24 11.31 10.19
N GLN B 405 33.40 11.94 9.03
CA GLN B 405 32.90 13.30 8.83
C GLN B 405 32.10 13.43 7.55
N PHE B 406 31.19 14.40 7.54
CA PHE B 406 30.35 14.69 6.38
C PHE B 406 30.44 16.18 6.02
N GLU B 407 30.64 16.46 4.73
CA GLU B 407 30.50 17.81 4.21
C GLU B 407 29.11 17.96 3.61
N ILE B 408 28.32 18.88 4.16
CA ILE B 408 26.93 19.06 3.79
C ILE B 408 26.69 20.44 3.18
N SER B 409 26.30 20.46 1.90
CA SER B 409 26.02 21.71 1.20
C SER B 409 24.52 21.95 1.08
N ILE B 410 24.12 23.19 1.29
CA ILE B 410 22.73 23.62 1.13
C ILE B 410 22.66 24.84 0.21
N THR B 411 21.74 24.79 -0.76
CA THR B 411 21.59 25.86 -1.73
C THR B 411 20.12 26.23 -1.93
N SER B 412 19.83 27.52 -1.88
CA SER B 412 18.51 28.05 -2.21
C SER B 412 18.55 28.68 -3.60
N ASN B 413 17.53 28.41 -4.41
CA ASN B 413 17.48 28.91 -5.78
C ASN B 413 16.22 29.75 -6.02
N LYS B 414 15.56 30.13 -4.93
CA LYS B 414 14.38 30.98 -4.99
C LYS B 414 14.57 32.11 -3.98
N CYS B 415 13.49 32.54 -3.34
CA CYS B 415 13.60 33.35 -2.16
C CYS B 415 12.52 32.87 -1.20
N PRO B 416 12.61 31.60 -0.78
CA PRO B 416 11.53 30.99 0.01
C PRO B 416 11.25 31.77 1.28
N LYS B 417 10.05 32.34 1.38
CA LYS B 417 9.67 33.17 2.51
C LYS B 417 10.58 34.38 2.63
N LYS B 418 10.34 35.17 3.66
CA LYS B 418 11.33 36.11 4.17
C LYS B 418 11.57 35.78 5.64
N ASP B 419 10.90 34.73 6.11
CA ASP B 419 11.09 34.19 7.46
C ASP B 419 12.10 33.05 7.43
N SER B 420 12.84 32.90 8.51
CA SER B 420 13.85 31.85 8.60
C SER B 420 13.23 30.46 8.69
N ASP B 421 13.85 29.50 8.01
CA ASP B 421 13.44 28.10 8.07
C ASP B 421 14.37 27.31 8.99
N SER B 422 13.93 26.11 9.36
CA SER B 422 14.73 25.24 10.21
C SER B 422 14.41 23.78 9.96
N PHE B 423 15.44 22.94 9.91
CA PHE B 423 15.25 21.51 9.73
C PHE B 423 16.37 20.74 10.44
N LYS B 424 16.11 19.47 10.73
CA LYS B 424 17.05 18.64 11.47
C LYS B 424 17.78 17.65 10.56
N ILE B 425 19.05 17.41 10.88
CA ILE B 425 19.82 16.33 10.28
C ILE B 425 20.22 15.38 11.40
N ARG B 426 19.96 14.10 11.22
CA ARG B 426 20.27 13.10 12.24
C ARG B 426 20.63 11.76 11.62
N PRO B 427 21.43 10.95 12.36
CA PRO B 427 21.68 9.58 11.92
C PRO B 427 20.52 8.67 12.33
N LEU B 428 20.13 7.75 11.47
CA LEU B 428 19.03 6.85 11.77
C LEU B 428 19.35 5.98 12.98
N GLY B 429 18.37 5.86 13.87
CA GLY B 429 18.51 5.03 15.06
C GLY B 429 18.92 5.81 16.30
N PHE B 430 19.03 7.13 16.16
CA PHE B 430 19.47 7.97 17.26
C PHE B 430 18.57 9.19 17.47
N THR B 431 18.49 9.64 18.72
CA THR B 431 17.75 10.85 19.04
C THR B 431 18.57 12.08 18.69
N GLU B 432 19.89 11.97 18.82
CA GLU B 432 20.81 13.06 18.52
C GLU B 432 20.57 13.60 17.12
N GLU B 433 20.63 14.92 16.98
CA GLU B 433 20.34 15.57 15.71
C GLU B 433 21.01 16.94 15.63
N VAL B 434 21.16 17.43 14.40
CA VAL B 434 21.75 18.74 14.16
C VAL B 434 20.69 19.69 13.62
N GLU B 435 20.40 20.75 14.36
CA GLU B 435 19.42 21.74 13.93
C GLU B 435 20.07 22.76 13.00
N VAL B 436 19.65 22.75 11.73
CA VAL B 436 20.15 23.70 10.75
C VAL B 436 19.13 24.80 10.51
N ILE B 437 19.47 26.02 10.93
CA ILE B 437 18.62 27.18 10.73
C ILE B 437 19.02 27.92 9.46
N LEU B 438 18.05 28.18 8.60
CA LEU B 438 18.29 28.85 7.33
C LEU B 438 17.73 30.27 7.32
N GLN B 439 18.52 31.20 6.79
CA GLN B 439 18.10 32.58 6.61
C GLN B 439 18.40 33.00 5.17
N TYR B 440 17.45 33.70 4.56
CA TYR B 440 17.53 33.99 3.13
C TYR B 440 17.83 35.46 2.86
N ILE B 441 18.91 35.71 2.11
CA ILE B 441 19.27 37.06 1.71
C ILE B 441 18.41 37.51 0.53
N CYS B 442 17.50 38.44 0.79
CA CYS B 442 16.60 38.95 -0.25
C CYS B 442 16.82 40.45 -0.49
N GLU B 443 17.43 41.12 0.49
CA GLU B 443 17.64 42.56 0.43
C GLU B 443 19.07 42.94 0.82
N CYS B 444 19.46 44.16 0.46
CA CYS B 444 20.77 44.68 0.82
C CYS B 444 20.77 45.22 2.24
N GLY C 1 4.01 -28.91 2.26
CA GLY C 1 3.99 -27.85 3.25
C GLY C 1 3.24 -26.62 2.73
N ARG C 2 1.92 -26.75 2.61
CA ARG C 2 1.08 -25.67 2.11
C ARG C 2 0.30 -25.04 3.26
N GLY C 3 0.05 -23.74 3.16
CA GLY C 3 -0.60 -23.00 4.23
C GLY C 3 0.29 -22.96 5.45
N ASP C 4 -0.32 -22.82 6.62
CA ASP C 4 0.43 -22.81 7.88
C ASP C 4 0.71 -24.22 8.35
N SER C 5 1.78 -24.81 7.82
CA SER C 5 2.18 -26.16 8.22
C SER C 5 3.70 -26.31 8.06
N PRO C 6 4.30 -27.26 8.79
CA PRO C 6 5.75 -27.45 8.66
C PRO C 6 6.15 -27.95 7.28
C1 NAG D . 2.91 -15.96 -17.15
C2 NAG D . 3.19 -17.02 -18.20
C3 NAG D . 2.59 -18.35 -17.77
C4 NAG D . 3.01 -18.72 -16.36
C5 NAG D . 2.78 -17.55 -15.40
C6 NAG D . 3.35 -17.81 -14.02
C7 NAG D . 3.49 -16.14 -20.48
C8 NAG D . 2.80 -15.78 -21.75
N2 NAG D . 2.71 -16.62 -19.50
O3 NAG D . 2.99 -19.36 -18.69
O4 NAG D . 2.25 -19.83 -15.91
O5 NAG D . 3.42 -16.37 -15.89
O6 NAG D . 4.58 -17.12 -13.84
O7 NAG D . 4.69 -16.01 -20.33
H1 NAG D . 1.94 -15.82 -17.08
H2 NAG D . 4.17 -17.13 -18.26
H3 NAG D . 1.61 -18.27 -17.80
H4 NAG D . 3.96 -18.96 -16.36
H5 NAG D . 1.82 -17.40 -15.33
H61 NAG D . 2.71 -17.51 -13.35
H62 NAG D . 3.50 -18.76 -13.91
H81 NAG D . 2.39 -16.58 -22.14
H82 NAG D . 3.44 -15.40 -22.38
H83 NAG D . 2.10 -15.11 -21.57
HN2 NAG D . 1.81 -16.69 -19.66
HO3 NAG D . 2.29 -19.87 -18.89
HO6 NAG D . 4.91 -17.33 -13.04
C1 NAG D . 3.07 -20.96 -15.57
C2 NAG D . 2.18 -21.94 -14.80
C3 NAG D . 2.95 -23.22 -14.48
C4 NAG D . 3.54 -23.81 -15.76
C5 NAG D . 4.40 -22.76 -16.44
C6 NAG D . 4.99 -23.23 -17.76
C7 NAG D . 0.48 -20.73 -13.51
C8 NAG D . 0.11 -20.16 -12.17
N2 NAG D . 1.67 -21.33 -13.59
O3 NAG D . 2.07 -24.16 -13.87
O4 NAG D . 4.32 -24.95 -15.44
O5 NAG D . 3.61 -21.60 -16.73
O6 NAG D . 3.96 -23.51 -18.70
O7 NAG D . -0.28 -20.66 -14.47
H1 NAG D . 3.81 -20.67 -14.99
H2 NAG D . 1.43 -22.17 -15.38
H3 NAG D . 3.68 -23.01 -13.86
H4 NAG D . 2.82 -24.07 -16.35
H5 NAG D . 5.14 -22.50 -15.84
H61 NAG D . 5.51 -24.03 -17.60
H62 NAG D . 5.57 -22.53 -18.11
H81 NAG D . 0.80 -19.52 -11.90
H82 NAG D . -0.75 -19.71 -12.24
H83 NAG D . 0.07 -20.88 -11.52
HN2 NAG D . 2.20 -21.36 -12.84
HO3 NAG D . 2.46 -24.49 -13.15
HO6 NAG D . 4.33 -23.83 -19.45
C1 BMA D . 3.93 -26.04 -16.32
C2 BMA D . 4.97 -27.16 -16.19
C3 BMA D . 4.60 -28.25 -17.21
C4 BMA D . 3.15 -28.70 -17.02
C5 BMA D . 2.21 -27.46 -17.05
C6 BMA D . 0.75 -27.81 -16.79
O2 BMA D . 4.92 -27.75 -14.91
O3 BMA D . 5.46 -29.40 -17.12
O4 BMA D . 2.77 -29.60 -18.05
O5 BMA D . 2.64 -26.53 -16.06
O6 BMA D . 0.67 -29.05 -16.09
H1 BMA D . 3.96 -25.66 -17.35
H2 BMA D . 5.96 -26.75 -16.41
H3 BMA D . 4.72 -27.87 -18.23
H4 BMA D . 3.05 -29.17 -16.03
H5 BMA D . 2.26 -27.00 -18.05
H61 BMA D . 0.30 -26.99 -16.20
H62 BMA D . 0.23 -27.86 -17.76
HO2 BMA D . 5.78 -27.57 -14.50
HO4 BMA D . 2.81 -30.48 -17.65
C1 MAN D . -0.95 -29.52 -16.55
C2 MAN D . -1.35 -29.83 -15.11
C3 MAN D . -0.52 -31.00 -14.58
C4 MAN D . -0.61 -32.19 -15.53
C5 MAN D . -0.24 -31.75 -16.95
C6 MAN D . -0.37 -32.91 -17.94
O2 MAN D . -2.74 -30.16 -15.06
O3 MAN D . -1.02 -31.38 -13.29
O4 MAN D . 0.29 -33.22 -15.11
O5 MAN D . -1.11 -30.69 -17.36
O6 MAN D . -1.72 -33.38 -17.96
H1 MAN D . -1.62 -28.73 -16.93
H2 MAN D . -1.15 -28.95 -14.49
H3 MAN D . 0.53 -30.68 -14.52
H4 MAN D . -1.64 -32.56 -15.53
H5 MAN D . 0.79 -31.40 -16.95
H61 MAN D . 0.30 -33.71 -17.63
H62 MAN D . -0.08 -32.58 -18.93
HO2 MAN D . -3.26 -29.42 -15.41
HO4 MAN D . -0.02 -33.58 -14.26
C1 MAN D . 0.06 -31.80 -12.42
C2 MAN D . -0.48 -32.86 -11.46
C3 MAN D . -1.52 -32.27 -10.52
C4 MAN D . -0.97 -31.01 -9.85
C5 MAN D . -0.42 -30.05 -10.90
C6 MAN D . 0.19 -28.82 -10.24
O2 MAN D . 0.61 -33.40 -10.69
O3 MAN D . -1.87 -33.23 -9.52
O4 MAN D . -2.03 -30.36 -9.12
O5 MAN D . 0.59 -30.72 -11.67
O6 MAN D . 1.26 -29.21 -9.37
H1 MAN D . 0.86 -32.26 -13.01
H2 MAN D . -0.95 -33.66 -12.04
H3 MAN D . -2.40 -32.00 -11.11
H4 MAN D . -0.17 -31.30 -9.17
H5 MAN D . -1.23 -29.73 -11.56
H61 MAN D . 0.56 -28.13 -11.00
H62 MAN D . -0.58 -28.29 -9.66
HO2 MAN D . 1.28 -33.77 -11.28
HO3 MAN D . -2.20 -34.03 -9.95
HO4 MAN D . -2.39 -30.98 -8.47
C1 MAN D . -2.80 -32.60 -18.15
C2 MAN D . -3.44 -33.93 -17.76
C3 MAN D . -4.09 -34.60 -18.97
C4 MAN D . -4.98 -33.63 -19.73
C5 MAN D . -4.25 -32.31 -20.00
C6 MAN D . -5.16 -31.31 -20.69
O2 MAN D . -4.43 -33.71 -16.75
O3 MAN D . -4.87 -35.72 -18.54
O4 MAN D . -5.38 -34.22 -20.97
O5 MAN D . -3.78 -31.77 -18.77
O6 MAN D . -4.44 -30.10 -20.97
H1 MAN D . -2.43 -32.12 -17.23
H2 MAN D . -2.66 -34.60 -17.37
H3 MAN D . -3.29 -34.95 -19.65
H4 MAN D . -5.87 -33.42 -19.12
H5 MAN D . -3.39 -32.52 -20.65
H61 MAN D . -5.53 -31.73 -21.62
H62 MAN D . -6.01 -31.09 -20.05
HO2 MAN D . -4.03 -33.25 -16.00
HO3 MAN D . -4.29 -36.36 -18.10
HO4 MAN D . -5.86 -35.02 -20.81
C1 MAN D . 6.83 -29.04 -17.40
C2 MAN D . 7.44 -30.09 -18.34
C3 MAN D . 7.76 -31.38 -17.57
C4 MAN D . 8.53 -31.07 -16.28
C5 MAN D . 7.75 -30.05 -15.44
C6 MAN D . 8.46 -29.65 -14.14
O2 MAN D . 8.69 -29.64 -18.88
O3 MAN D . 8.48 -32.31 -18.38
O4 MAN D . 8.72 -32.26 -15.54
O5 MAN D . 7.56 -28.86 -16.22
O6 MAN D . 9.33 -28.56 -14.44
H1 MAN D . 6.86 -28.05 -17.89
H2 MAN D . 6.73 -30.31 -19.15
H3 MAN D . 6.82 -31.87 -17.30
H4 MAN D . 9.51 -30.61 -16.56
H5 MAN D . 6.77 -30.49 -15.17
H61 MAN D . 9.02 -30.52 -13.77
H62 MAN D . 7.68 -29.39 -13.41
HO2 MAN D . 8.53 -29.18 -19.71
HO3 MAN D . 7.82 -32.89 -18.75
HO4 MAN D . 9.67 -32.46 -15.62
C1 NAG E . 9.92 -11.54 -11.67
C2 NAG E . 9.94 -11.46 -13.21
C3 NAG E . 11.35 -11.15 -13.70
C4 NAG E . 11.90 -9.90 -13.01
C5 NAG E . 11.82 -10.09 -11.50
C6 NAG E . 12.27 -8.87 -10.74
C7 NAG E . 8.16 -12.95 -14.01
C8 NAG E . 7.84 -14.28 -14.62
N2 NAG E . 9.46 -12.70 -13.80
O3 NAG E . 11.31 -10.95 -15.11
O4 NAG E . 13.25 -9.68 -13.40
O5 NAG E . 10.45 -10.34 -11.12
O6 NAG E . 11.48 -8.66 -9.57
O7 NAG E . 7.28 -12.14 -13.72
H1 NAG E . 10.47 -12.29 -11.38
H2 NAG E . 9.35 -10.73 -13.48
H3 NAG E . 11.94 -11.90 -13.51
H4 NAG E . 11.35 -9.14 -13.28
H5 NAG E . 12.37 -10.84 -11.25
H61 NAG E . 12.20 -8.08 -11.31
H62 NAG E . 13.20 -8.98 -10.47
H81 NAG E . 6.88 -14.37 -14.70
H82 NAG E . 8.20 -15.00 -14.06
H83 NAG E . 8.24 -14.33 -15.51
HN2 NAG E . 10.07 -13.33 -14.03
HO3 NAG E . 12.01 -11.35 -15.49
HO6 NAG E . 11.97 -8.20 -8.97
C1 NAG E . 13.78 -8.48 -13.36
C2 NAG E . 15.21 -8.03 -13.24
C3 NAG E . 15.34 -6.59 -13.68
C4 NAG E . 14.86 -6.47 -15.12
C5 NAG E . 13.46 -7.07 -15.29
C6 NAG E . 13.08 -7.20 -16.75
C7 NAG E . 16.69 -9.14 -11.58
C8 NAG E . 17.09 -9.18 -10.14
N2 NAG E . 15.76 -8.24 -11.90
O3 NAG E . 16.69 -6.13 -13.55
O4 NAG E . 14.83 -5.10 -15.50
O5 NAG E . 13.36 -8.38 -14.72
O6 NAG E . 11.77 -7.74 -16.91
O7 NAG E . 17.20 -9.90 -12.41
H1 NAG E . 13.22 -7.86 -12.82
H2 NAG E . 15.74 -8.58 -13.86
H3 NAG E . 14.76 -6.04 -13.11
H4 NAG E . 15.48 -6.95 -15.71
H5 NAG E . 12.81 -6.48 -14.86
H61 NAG E . 13.72 -7.79 -17.19
H62 NAG E . 13.11 -6.33 -17.17
H81 NAG E . 17.49 -8.32 -9.89
H82 NAG E . 16.30 -9.34 -9.59
H83 NAG E . 17.74 -9.90 -9.99
HN2 NAG E . 15.43 -7.71 -11.23
HO3 NAG E . 16.70 -5.40 -13.06
HO4 NAG E . 14.56 -5.03 -16.34
HO6 NAG E . 11.65 -7.98 -17.76
C1 NAG F . -27.93 -3.44 10.74
C2 NAG F . -27.26 -2.13 11.14
C3 NAG F . -26.44 -2.31 12.43
C4 NAG F . -27.29 -2.95 13.51
C5 NAG F . -27.96 -4.22 12.99
C6 NAG F . -28.92 -4.84 13.99
C7 NAG F . -26.89 -1.08 8.95
C8 NAG F . -25.87 -0.62 7.96
N2 NAG F . -26.41 -1.64 10.07
O3 NAG F . -25.96 -1.04 12.86
O4 NAG F . -26.46 -3.29 14.63
O5 NAG F . -28.72 -3.92 11.82
O6 NAG F . -29.32 -6.13 13.58
O7 NAG F . -28.09 -0.94 8.76
H1 NAG F . -27.24 -4.10 10.54
H2 NAG F . -27.96 -1.47 11.31
H3 NAG F . -25.68 -2.89 12.24
H4 NAG F . -27.98 -2.32 13.80
H5 NAG F . -27.26 -4.87 12.77
H61 NAG F . -29.71 -4.27 14.05
H62 NAG F . -28.48 -4.89 14.86
H81 NAG F . -25.30 -1.38 7.70
H82 NAG F . -26.32 -0.27 7.17
H83 NAG F . -25.31 0.07 8.36
HN2 NAG F . -25.50 -1.71 10.16
HO3 NAG F . -25.09 -1.08 12.99
HO6 NAG F . -29.62 -6.58 14.27
C1 NAG F . -26.90 -2.66 15.86
C2 NAG F . -26.49 -3.54 17.02
C3 NAG F . -26.92 -2.90 18.34
C4 NAG F . -26.40 -1.47 18.44
C5 NAG F . -26.79 -0.68 17.18
C6 NAG F . -26.19 0.71 17.15
C7 NAG F . -26.35 -5.93 16.46
C8 NAG F . -27.10 -7.22 16.40
N2 NAG F . -27.05 -4.88 16.90
O3 NAG F . -26.42 -3.67 19.43
O4 NAG F . -26.98 -0.82 19.57
O5 NAG F . -26.34 -1.35 16.01
O6 NAG F . -24.79 0.66 16.94
O7 NAG F . -25.17 -5.84 16.13
H1 NAG F . -27.87 -2.58 15.84
H2 NAG F . -25.52 -3.61 17.03
H3 NAG F . -27.90 -2.88 18.39
H4 NAG F . -25.43 -1.47 18.52
H5 NAG F . -27.77 -0.61 17.15
H61 NAG F . -26.38 1.15 18.00
H62 NAG F . -26.61 1.22 16.43
H81 NAG F . -26.52 -7.92 16.02
H82 NAG F . -27.38 -7.48 17.30
H83 NAG F . -27.89 -7.12 15.82
HN2 NAG F . -27.92 -5.00 17.13
HO3 NAG F . -27.08 -3.87 19.98
HO6 NAG F . -24.45 1.46 17.08
C1 BMA F . -26.00 -0.57 20.60
C2 BMA F . -26.60 0.52 21.52
C3 BMA F . -25.77 0.67 22.80
C4 BMA F . -25.43 -0.68 23.41
C5 BMA F . -24.73 -1.54 22.37
C6 BMA F . -24.29 -2.89 22.92
O2 BMA F . -27.92 0.17 21.93
O3 BMA F . -26.43 1.50 23.76
O4 BMA F . -24.58 -0.51 24.55
O5 BMA F . -25.66 -1.76 21.30
O6 BMA F . -24.67 -3.92 22.01
H1 BMA F . -25.09 -0.17 20.13
H2 BMA F . -26.61 1.47 20.97
H3 BMA F . -24.82 1.18 22.56
H4 BMA F . -26.38 -1.18 23.70
H5 BMA F . -23.84 -1.01 21.99
H61 BMA F . -23.19 -2.87 23.06
H62 BMA F . -24.76 -3.02 23.90
HO2 BMA F . -28.49 0.88 21.61
HO3 BMA F . -25.90 2.31 23.81
HO4 BMA F . -25.14 -0.72 25.32
C1 MAN F . -23.87 -5.09 22.27
C2 MAN F . -22.74 -5.18 21.22
C3 MAN F . -23.25 -5.84 19.93
C4 MAN F . -24.00 -7.14 20.25
C5 MAN F . -25.16 -6.82 21.18
C6 MAN F . -25.97 -8.06 21.56
O2 MAN F . -21.66 -6.01 21.67
O3 MAN F . -22.20 -6.08 19.02
O4 MAN F . -24.49 -7.72 19.05
O5 MAN F . -24.65 -6.27 22.41
O6 MAN F . -26.07 -8.89 20.41
H1 MAN F . -23.42 -4.98 23.27
H2 MAN F . -22.39 -4.16 21.00
H3 MAN F . -23.95 -5.16 19.44
H4 MAN F . -23.31 -7.82 20.78
H5 MAN F . -25.84 -6.10 20.69
H61 MAN F . -25.46 -8.57 22.38
H62 MAN F . -26.96 -7.72 21.90
HO2 MAN F . -20.93 -5.43 21.97
HO3 MAN F . -22.30 -5.41 18.32
HO4 MAN F . -23.81 -8.36 18.78
C1 NAG G . -6.92 -18.55 -28.67
C2 NAG G . -5.84 -18.46 -29.74
C3 NAG G . -6.36 -18.96 -31.08
C4 NAG G . -7.05 -20.31 -30.93
C5 NAG G . -8.06 -20.29 -29.80
C6 NAG G . -8.69 -21.66 -29.60
C7 NAG G . -4.09 -16.78 -29.71
C8 NAG G . -3.75 -15.33 -29.86
N2 NAG G . -5.37 -17.10 -29.86
O3 NAG G . -5.27 -19.07 -32.01
O4 NAG G . -7.71 -20.65 -32.16
O5 NAG G . -7.40 -19.89 -28.59
O6 NAG G . -7.68 -22.62 -29.26
O7 NAG G . -3.24 -17.62 -29.47
H1 NAG G . -7.75 -17.87 -28.95
H2 NAG G . -4.99 -19.09 -29.44
H3 NAG G . -7.09 -18.23 -31.46
H4 NAG G . -6.28 -21.07 -30.72
H5 NAG G . -8.85 -19.57 -30.04
H61 NAG G . -9.43 -21.61 -28.80
H62 NAG G . -9.19 -21.97 -30.52
H81 NAG G . -4.27 -14.77 -29.15
H82 NAG G . -4.02 -15.00 -30.84
H83 NAG G . -2.71 -15.19 -29.73
HN2 NAG G . -6.05 -16.36 -30.06
HO3 NAG G . -5.61 -19.17 -32.90
HO6 NAG G . -8.08 -23.49 -29.17
C1 NAG G . -7.49 -22.04 -32.43
C2 NAG G . -8.64 -22.57 -33.29
C3 NAG G . -8.44 -24.04 -33.62
C4 NAG G . -7.04 -24.29 -34.17
C5 NAG G . -5.98 -23.65 -33.28
C6 NAG G . -4.59 -23.81 -33.87
C7 NAG G . -10.54 -21.23 -32.59
C8 NAG G . -11.83 -21.19 -31.82
N2 NAG G . -9.90 -22.39 -32.58
O3 NAG G . -9.41 -24.44 -34.59
O4 NAG G . -6.80 -25.70 -34.25
O5 NAG G . -6.26 -22.26 -33.13
O6 NAG G . -4.23 -25.21 -33.86
O7 NAG G . -10.11 -20.25 -33.18
H1 NAG G . -7.47 -22.60 -31.49
H2 NAG G . -8.68 -22.00 -34.21
H3 NAG G . -8.56 -24.64 -32.70
H4 NAG G . -6.97 -23.84 -35.17
H5 NAG G . -6.00 -24.14 -32.29
H61 NAG G . -3.86 -23.26 -33.29
H62 NAG G . -4.57 -23.44 -34.90
H81 NAG G . -11.65 -21.44 -30.80
H82 NAG G . -12.24 -20.21 -31.86
H83 NAG G . -12.51 -21.88 -32.23
HN2 NAG G . -10.28 -23.18 -32.07
HO3 NAG G . -9.29 -25.39 -34.79
HO6 NAG G . -3.36 -25.32 -34.25
C1 NAG H . 13.56 9.91 24.16
C2 NAG H . 12.66 10.36 25.31
C3 NAG H . 11.42 11.08 24.81
C4 NAG H . 11.81 12.19 23.85
C5 NAG H . 12.68 11.62 22.73
C6 NAG H . 13.10 12.70 21.76
C7 NAG H . 13.10 8.71 27.05
C8 NAG H . 12.57 7.53 27.81
N2 NAG H . 12.28 9.22 26.12
O3 NAG H . 10.70 11.63 25.92
O4 NAG H . 10.63 12.77 23.28
O5 NAG H . 13.85 11.00 23.28
O6 NAG H . 13.98 13.62 22.42
O7 NAG H . 14.21 9.19 27.26
H1 NAG H . 13.03 9.12 23.60
H2 NAG H . 13.24 11.06 25.94
H3 NAG H . 10.79 10.36 24.28
H4 NAG H . 12.41 12.92 24.40
H5 NAG H . 12.10 10.87 22.19
H61 NAG H . 12.21 13.24 21.40
H62 NAG H . 13.60 12.26 20.90
H81 NAG H . 12.36 6.74 27.13
H82 NAG H . 11.69 7.81 28.32
H83 NAG H . 13.30 7.22 28.51
HN2 NAG H . 11.37 8.80 25.97
HO3 NAG H . 9.89 12.07 25.60
HO6 NAG H . 14.24 14.32 21.79
C1 NAG H . 10.50 14.18 23.57
C2 NAG H . 9.46 14.79 22.65
C3 NAG H . 9.22 16.26 22.97
C4 NAG H . 8.94 16.43 24.44
C5 NAG H . 10.05 15.79 25.28
C6 NAG H . 9.78 15.92 26.77
C7 NAG H . 9.68 13.50 20.61
C8 NAG H . 10.15 13.50 19.18
N2 NAG H . 9.87 14.64 21.26
O3 NAG H . 8.12 16.75 22.19
O4 NAG H . 8.82 17.83 24.76
O5 NAG H . 10.17 14.41 24.94
O6 NAG H . 9.96 17.28 27.18
O7 NAG H . 9.16 12.53 21.12
H1 NAG H . 11.47 14.67 23.35
H2 NAG H . 8.52 14.24 22.79
H3 NAG H . 10.14 16.82 22.72
H4 NAG H . 8.00 15.92 24.68
H5 NAG H . 10.99 16.31 25.05
H61 NAG H . 10.46 15.28 27.32
H62 NAG H . 8.76 15.60 26.99
H81 NAG H . 11.20 13.68 19.15
H82 NAG H . 9.95 12.55 18.74
H83 NAG H . 9.65 14.24 18.64
HN2 NAG H . 10.31 15.42 20.80
HO3 NAG H . 7.99 17.69 22.38
HO4 NAG H . 8.41 17.93 25.63
HO6 NAG H . 9.79 17.36 28.12
C1 NAG I . 39.23 10.90 0.31
C2 NAG I . 40.40 10.79 -0.66
C3 NAG I . 41.72 10.94 0.10
C4 NAG I . 41.71 12.23 0.93
C5 NAG I . 40.45 12.29 1.80
C6 NAG I . 40.31 13.61 2.53
C7 NAG I . 39.60 9.29 -2.43
C8 NAG I . 39.69 7.92 -3.04
N2 NAG I . 40.38 9.52 -1.37
O3 NAG I . 42.80 10.96 -0.82
O4 NAG I . 42.86 12.27 1.77
O5 NAG I . 39.29 12.15 0.98
O6 NAG I . 40.13 13.41 3.93
O7 NAG I . 38.84 10.15 -2.88
H1 NAG I . 39.28 10.18 0.97
H2 NAG I . 40.34 11.52 -1.31
H3 NAG I . 41.83 10.18 0.71
H4 NAG I . 41.73 12.99 0.32
H5 NAG I . 40.48 11.57 2.45
H61 NAG I . 41.11 14.15 2.38
H62 NAG I . 39.53 14.09 2.17
H81 NAG I . 39.06 7.85 -3.78
H82 NAG I . 39.49 7.25 -2.36
H83 NAG I . 40.60 7.78 -3.37
HN2 NAG I . 40.92 8.84 -1.07
HO3 NAG I . 43.41 10.38 -0.58
HO6 NAG I . 40.08 14.20 4.33
C1 NAG I . 43.64 13.45 1.57
C2 NAG I . 44.39 13.76 2.86
C3 NAG I . 45.24 15.01 2.70
C4 NAG I . 46.17 14.85 1.49
C5 NAG I . 45.35 14.50 0.25
C6 NAG I . 46.22 14.20 -0.95
C7 NAG I . 43.69 13.46 5.20
C8 NAG I . 42.62 13.72 6.21
N2 NAG I . 43.46 13.92 3.97
O3 NAG I . 46.01 15.22 3.88
O4 NAG I . 46.86 16.07 1.26
O5 NAG I . 44.59 13.31 0.50
O6 NAG I . 45.48 13.57 -1.99
O7 NAG I . 44.72 12.85 5.49
H1 NAG I . 43.05 14.20 1.36
H2 NAG I . 44.98 13.01 3.07
H3 NAG I . 44.66 15.78 2.55
H4 NAG I . 46.81 14.15 1.68
H5 NAG I . 44.75 15.23 0.03
H61 NAG I . 46.96 13.62 -0.69
H62 NAG I . 46.58 15.04 -1.29
H81 NAG I . 41.78 13.33 5.91
H82 NAG I . 42.87 13.31 7.07
H83 NAG I . 42.51 14.68 6.34
HN2 NAG I . 42.68 14.36 3.81
HO3 NAG I . 46.09 16.10 4.02
HO4 NAG I . 47.70 15.99 1.53
HO6 NAG I . 46.02 13.39 -2.67
CA CA J . -9.13 -12.21 -28.24
CA CA K . -4.30 1.57 -28.73
CA CA L . -10.79 12.63 -25.26
CA CA M . -23.88 12.39 -20.80
C1 NAG N . -38.21 -3.46 -16.36
C2 NAG N . -38.85 -2.39 -17.21
C3 NAG N . -39.09 -1.11 -16.40
C4 NAG N . -39.78 -1.42 -15.08
C5 NAG N . -39.08 -2.56 -14.35
C6 NAG N . -39.81 -2.93 -13.07
C7 NAG N . -38.07 -2.82 -19.46
C8 NAG N . -37.15 -2.41 -20.57
N2 NAG N . -38.02 -2.09 -18.36
O3 NAG N . -39.89 -0.20 -17.16
O4 NAG N . -39.77 -0.26 -14.25
O5 NAG N . -39.01 -3.71 -15.22
O6 NAG N . -39.02 -3.85 -12.31
O7 NAG N . -38.83 -3.78 -19.58
H1 NAG N . -37.22 -3.11 -16.05
H2 NAG N . -39.82 -2.75 -17.57
H3 NAG N . -38.11 -0.65 -16.18
H4 NAG N . -40.81 -1.73 -15.29
H5 NAG N . -38.06 -2.25 -14.10
H61 NAG N . -39.99 -2.03 -12.48
H62 NAG N . -40.77 -3.39 -13.31
H81 NAG N . -36.15 -2.45 -20.24
H82 NAG N . -37.39 -1.41 -20.87
H83 NAG N . -37.28 -3.06 -21.41
HN2 NAG N . -37.38 -1.31 -18.31
HO3 NAG N . -39.94 0.65 -16.69
HO4 NAG N . -40.34 -0.40 -13.48
HO6 NAG N . -39.48 -4.07 -11.48
MG MG O . 2.95 -20.44 10.13
CA CA P . 9.66 -24.62 12.41
CA CA Q . -1.15 -16.77 7.75
C1 NAG R . 37.36 -2.46 7.90
C2 NAG R . 37.73 -3.41 6.76
C3 NAG R . 38.93 -4.26 7.15
C4 NAG R . 40.08 -3.38 7.61
C5 NAG R . 39.61 -2.45 8.73
C6 NAG R . 40.67 -1.48 9.20
C7 NAG R . 35.83 -4.06 5.33
C8 NAG R . 34.72 -5.04 5.13
N2 NAG R . 36.60 -4.26 6.41
O3 NAG R . 39.35 -5.03 6.02
O4 NAG R . 41.16 -4.18 8.09
O5 NAG R . 38.50 -1.67 8.26
O6 NAG R . 40.47 -0.19 8.63
O7 NAG R . 36.03 -3.14 4.55
H1 NAG R . 37.08 -2.99 8.67
H2 NAG R . 37.97 -2.88 5.98
H3 NAG R . 38.69 -4.86 7.87
H4 NAG R . 40.40 -2.83 6.86
H5 NAG R . 39.32 -3.00 9.48
H61 NAG R . 40.63 -1.41 10.17
H62 NAG R . 41.55 -1.81 8.93
H81 NAG R . 35.10 -5.94 5.01
H82 NAG R . 34.15 -5.05 5.92
H83 NAG R . 34.20 -4.79 4.34
HN2 NAG R . 36.41 -4.96 6.95
HO3 NAG R . 39.61 -5.84 6.30
HO4 NAG R . 41.82 -4.19 7.49
HO6 NAG R . 40.93 0.41 9.11
C1 NAG S . 14.54 -29.28 16.77
C2 NAG S . 13.61 -30.48 17.04
C3 NAG S . 14.43 -31.77 17.20
C4 NAG S . 15.36 -31.96 16.02
C5 NAG S . 16.22 -30.71 15.84
C6 NAG S . 17.13 -30.78 14.63
C7 NAG S . 11.52 -29.84 18.14
C8 NAG S . 10.81 -29.67 19.46
N2 NAG S . 12.78 -30.25 18.21
O3 NAG S . 13.55 -32.88 17.30
O4 NAG S . 16.21 -33.08 16.24
O5 NAG S . 15.37 -29.57 15.65
O6 NAG S . 18.16 -29.80 14.69
O7 NAG S . 10.95 -29.62 17.08
H1 NAG S . 15.10 -29.13 17.56
H2 NAG S . 13.04 -30.59 16.26
H3 NAG S . 14.96 -31.71 18.02
H4 NAG S . 14.84 -32.10 15.21
H5 NAG S . 16.77 -30.58 16.64
H61 NAG S . 17.55 -31.66 14.60
H62 NAG S . 16.61 -30.64 13.83
H81 NAG S . 10.76 -30.53 19.91
H82 NAG S . 11.32 -29.03 20.01
H83 NAG S . 9.91 -29.32 19.30
HN2 NAG S . 13.14 -30.41 19.03
HO3 NAG S . 13.75 -33.35 18.03
HO4 NAG S . 15.82 -33.81 15.90
HO6 NAG S . 18.67 -29.85 13.97
C1 NAG T . -4.40 -28.52 26.28
C2 NAG T . -5.14 -29.66 27.01
C3 NAG T . -5.68 -29.17 28.37
C4 NAG T . -4.55 -28.56 29.18
C5 NAG T . -3.89 -27.44 28.37
C6 NAG T . -2.70 -26.82 29.09
C7 NAG T . -6.19 -31.40 25.61
C8 NAG T . -7.40 -31.78 24.80
N2 NAG T . -6.22 -30.19 26.19
O3 NAG T . -6.24 -30.27 29.07
O4 NAG T . -5.06 -28.03 30.40
O5 NAG T . -3.40 -27.98 27.14
O6 NAG T . -1.72 -26.38 28.16
O7 NAG T . -5.23 -32.15 25.72
H1 NAG T . -5.04 -27.82 26.04
H2 NAG T . -4.50 -30.38 27.18
H3 NAG T . -6.37 -28.50 28.20
H4 NAG T . -3.88 -29.25 29.38
H5 NAG T . -4.55 -26.75 28.19
H61 NAG T . -3.02 -26.06 29.61
H62 NAG T . -2.31 -27.48 29.69
H81 NAG T . -7.55 -31.10 24.12
H82 NAG T . -7.25 -32.64 24.39
H83 NAG T . -8.18 -31.81 25.39
HN2 NAG T . -6.97 -29.68 26.07
HO3 NAG T . -6.81 -29.97 29.68
HO4 NAG T . -4.74 -28.49 31.08
HO6 NAG T . -1.07 -25.97 28.60
#